data_4YK4
#
_entry.id   4YK4
#
_cell.length_a   235.365
_cell.length_b   130.154
_cell.length_c   68.972
_cell.angle_alpha   90.000
_cell.angle_beta   105.880
_cell.angle_gamma   90.000
#
_symmetry.space_group_name_H-M   'C 1 2 1'
#
loop_
_entity.id
_entity.type
_entity.pdbx_description
1 polymer '641 I-9 VLCL antibody'
2 polymer '641 I-9 VHCH antibody'
3 polymer Hemagglutinin
4 non-polymer 2-acetamido-2-deoxy-beta-D-glucopyranose
5 water water
#
loop_
_entity_poly.entity_id
_entity_poly.type
_entity_poly.pdbx_seq_one_letter_code
_entity_poly.pdbx_strand_id
1 'polypeptide(L)'
;DIQMTQSPSSLSASVGDRVTITCRASQSISSYLNWYQQKPGKAPKLLIYAASSLQSGVPSRFSGSGSGTDFTLTISSLQP
EDFATYYCQQSYSIPLTFGQGTRLEIKRTVAAPSVFIFPPSDEQLKSGTASVVCLLNNFYPREAKVQWKVDNALQSGNSQ
ESVTEQDSKDSTYSLSSTLTLSKADYEKHKVYACEVTHQGLSSPVTKSFNRGEC
;
Y,B
2 'polypeptide(L)'
;QVQLQESGPGLVKPSETLSLTCTVSGGSISSYYWSWIRQPPGKGLEWIGYIYYSGSTDYNPSLKSRVTISVDTSKNQFSL
KLSSVTAADTAVYYCARRRSDFETVDFIYHYMDVWGKGTTVTVSSASTKGPSVFPLAPSSKSTSGGTAALGCLVKDYFPE
PVTVSWNSGALTSGVHTFPAVLQSSGLYSLSSVVTVPSSSLGTQTYICNVNHKPSNTKVDKRVEPKSCDKHHHHHH
;
Z,C
3 'polypeptide(L)'
;ADPGYLLEAPLQLGNCSVAGWILGNPECELLISRESWSYIVEKPNPENGTCYPGHFADYEELREQLSSVSSFERFEIFPK
ESSWPNHTTTGVSASCSHNGESSFYKNLLWLTGKNGLYPNLSKSYANNKEKEVLVLWGVHHPPNIGDQRALYHTENAYVS
VVSSHYSRKFTPEIAKRPKVRDQEGRINYYWTLLEPGDTIIFEANGNLIAPRYAFALSRGFGSGLEVLFQ
;
E,A
#
# COMPACT_ATOMS: atom_id res chain seq x y z
N ASP A 1 -6.50 4.79 3.65
CA ASP A 1 -6.99 6.10 3.21
C ASP A 1 -8.45 6.34 3.61
N ILE A 2 -9.25 5.30 3.71
CA ILE A 2 -10.65 5.50 4.10
C ILE A 2 -10.81 5.50 5.62
N GLN A 3 -11.24 6.64 6.16
CA GLN A 3 -11.59 6.73 7.57
C GLN A 3 -13.01 6.22 7.79
N MET A 4 -13.22 5.53 8.91
CA MET A 4 -14.54 5.01 9.24
C MET A 4 -15.10 5.69 10.49
N THR A 5 -16.35 6.13 10.42
CA THR A 5 -16.99 6.79 11.56
C THR A 5 -18.31 6.11 11.93
N GLN A 6 -18.41 5.70 13.19
CA GLN A 6 -19.62 5.06 13.69
C GLN A 6 -20.47 6.03 14.48
N SER A 7 -21.76 5.73 14.56
CA SER A 7 -22.68 6.52 15.36
C SER A 7 -23.85 5.65 15.79
N PRO A 8 -24.29 5.77 17.04
CA PRO A 8 -23.72 6.67 18.06
C PRO A 8 -22.53 6.03 18.75
N SER A 9 -21.89 6.76 19.67
CA SER A 9 -20.76 6.22 20.42
C SER A 9 -21.25 5.21 21.44
N SER A 10 -22.35 5.52 22.09
CA SER A 10 -22.95 4.61 23.06
C SER A 10 -24.45 4.77 23.03
N LEU A 11 -25.17 3.73 23.39
CA LEU A 11 -26.63 3.80 23.44
C LEU A 11 -27.15 2.72 24.38
N SER A 12 -28.29 3.00 25.00
CA SER A 12 -28.93 2.00 25.84
C SER A 12 -30.34 1.72 25.32
N ALA A 13 -30.63 0.46 25.07
CA ALA A 13 -31.93 0.05 24.56
C ALA A 13 -32.44 -1.11 25.39
N SER A 14 -33.75 -1.33 25.40
CA SER A 14 -34.32 -2.39 26.20
C SER A 14 -34.45 -3.71 25.42
N VAL A 15 -34.59 -4.80 26.15
CA VAL A 15 -34.79 -6.11 25.55
C VAL A 15 -36.08 -6.13 24.73
N GLY A 16 -35.97 -6.58 23.48
CA GLY A 16 -37.11 -6.62 22.58
C GLY A 16 -37.11 -5.47 21.59
N ASP A 17 -36.40 -4.40 21.93
CA ASP A 17 -36.31 -3.22 21.07
C ASP A 17 -35.54 -3.44 19.77
N ARG A 18 -35.84 -2.59 18.80
CA ARG A 18 -35.14 -2.53 17.53
C ARG A 18 -34.03 -1.49 17.60
N VAL A 19 -32.78 -1.94 17.57
CA VAL A 19 -31.66 -1.01 17.60
C VAL A 19 -30.92 -0.88 16.26
N THR A 20 -30.71 0.35 15.83
CA THR A 20 -30.01 0.63 14.59
C THR A 20 -28.78 1.48 14.86
N ILE A 21 -27.62 1.04 14.39
CA ILE A 21 -26.41 1.84 14.49
C ILE A 21 -25.81 2.08 13.10
N THR A 22 -25.17 3.23 12.91
CA THR A 22 -24.73 3.62 11.57
C THR A 22 -23.22 3.72 11.44
N CYS A 23 -22.73 3.35 10.26
CA CYS A 23 -21.33 3.48 9.91
C CYS A 23 -21.21 4.41 8.71
N ARG A 24 -20.20 5.25 8.69
CA ARG A 24 -20.01 6.19 7.57
C ARG A 24 -18.59 6.15 7.02
N ALA A 25 -18.49 6.10 5.69
CA ALA A 25 -17.19 6.09 5.02
C ALA A 25 -16.84 7.48 4.49
N SER A 26 -15.56 7.84 4.59
CA SER A 26 -15.13 9.16 4.18
C SER A 26 -15.28 9.35 2.66
N GLN A 27 -15.13 8.26 1.93
CA GLN A 27 -15.31 8.26 0.49
C GLN A 27 -16.04 6.97 0.15
N SER A 28 -16.58 6.86 -1.06
CA SER A 28 -17.38 5.69 -1.39
C SER A 28 -16.55 4.41 -1.27
N ILE A 29 -17.23 3.31 -0.94
CA ILE A 29 -16.60 2.02 -0.76
C ILE A 29 -17.55 0.94 -1.28
N SER A 30 -18.75 1.38 -1.65
CA SER A 30 -19.79 0.51 -2.20
C SER A 30 -20.37 -0.45 -1.17
N SER A 31 -20.20 -1.74 -1.42
CA SER A 31 -20.63 -2.78 -0.49
C SER A 31 -19.47 -3.45 0.24
N TYR A 32 -18.33 -2.79 0.30
CA TYR A 32 -17.16 -3.39 0.94
C TYR A 32 -17.03 -2.98 2.39
N LEU A 33 -18.05 -3.33 3.17
CA LEU A 33 -18.05 -3.04 4.59
C LEU A 33 -18.43 -4.31 5.38
N ASN A 34 -17.70 -4.56 6.47
CA ASN A 34 -18.01 -5.67 7.36
C ASN A 34 -18.44 -5.18 8.74
N TRP A 35 -19.22 -6.01 9.44
CA TRP A 35 -19.64 -5.68 10.80
C TRP A 35 -19.14 -6.73 11.80
N TYR A 36 -18.64 -6.26 12.93
CA TYR A 36 -18.14 -7.17 13.97
C TYR A 36 -18.82 -6.90 15.30
N GLN A 37 -18.93 -7.97 16.09
CA GLN A 37 -19.45 -7.87 17.45
C GLN A 37 -18.35 -8.30 18.41
N GLN A 38 -18.01 -7.43 19.35
CA GLN A 38 -17.01 -7.78 20.34
C GLN A 38 -17.60 -7.74 21.75
N LYS A 39 -17.60 -8.91 22.41
CA LYS A 39 -18.03 -9.00 23.80
C LYS A 39 -16.78 -9.03 24.67
N PRO A 40 -16.86 -8.48 25.88
CA PRO A 40 -15.73 -8.28 26.80
C PRO A 40 -14.88 -9.54 27.02
N GLY A 41 -13.58 -9.40 26.75
CA GLY A 41 -12.63 -10.49 26.92
C GLY A 41 -12.63 -11.50 25.80
N LYS A 42 -13.52 -11.32 24.83
CA LYS A 42 -13.56 -12.20 23.67
C LYS A 42 -13.00 -11.45 22.45
N ALA A 43 -12.60 -12.21 21.42
CA ALA A 43 -12.14 -11.61 20.18
C ALA A 43 -13.34 -11.12 19.38
N PRO A 44 -13.11 -10.21 18.43
CA PRO A 44 -14.21 -9.77 17.57
C PRO A 44 -14.81 -10.92 16.77
N LYS A 45 -16.13 -10.90 16.61
CA LYS A 45 -16.83 -11.96 15.88
C LYS A 45 -17.53 -11.37 14.66
N LEU A 46 -17.33 -11.98 13.50
CA LEU A 46 -17.92 -11.50 12.26
C LEU A 46 -19.45 -11.67 12.24
N LEU A 47 -20.16 -10.57 11.99
CA LEU A 47 -21.62 -10.60 11.93
C LEU A 47 -22.13 -10.57 10.49
N ILE A 48 -21.78 -9.50 9.77
CA ILE A 48 -22.20 -9.33 8.39
C ILE A 48 -21.03 -8.92 7.50
N TYR A 49 -20.85 -9.64 6.39
CA TYR A 49 -19.88 -9.24 5.36
C TYR A 49 -20.59 -8.64 4.14
N ALA A 50 -19.83 -7.96 3.28
CA ALA A 50 -20.37 -7.38 2.04
C ALA A 50 -21.59 -6.51 2.28
N ALA A 51 -21.55 -5.77 3.39
CA ALA A 51 -22.58 -4.78 3.75
C ALA A 51 -23.93 -5.36 4.18
N SER A 52 -24.35 -6.47 3.58
CA SER A 52 -25.70 -6.97 3.83
C SER A 52 -25.81 -8.49 3.96
N SER A 53 -24.67 -9.17 3.90
CA SER A 53 -24.71 -10.62 3.91
C SER A 53 -24.47 -11.15 5.31
N LEU A 54 -25.45 -11.86 5.85
CA LEU A 54 -25.36 -12.44 7.18
C LEU A 54 -24.39 -13.62 7.19
N GLN A 55 -23.45 -13.58 8.12
CA GLN A 55 -22.49 -14.66 8.29
C GLN A 55 -23.20 -15.87 8.88
N SER A 56 -22.77 -17.06 8.48
CA SER A 56 -23.34 -18.29 8.99
C SER A 56 -23.08 -18.37 10.49
N GLY A 57 -24.07 -18.82 11.24
CA GLY A 57 -23.91 -18.98 12.68
C GLY A 57 -24.41 -17.80 13.47
N VAL A 58 -24.62 -16.68 12.77
CA VAL A 58 -25.13 -15.46 13.37
C VAL A 58 -26.65 -15.48 13.32
N PRO A 59 -27.30 -15.11 14.44
CA PRO A 59 -28.76 -15.00 14.50
C PRO A 59 -29.31 -14.13 13.38
N SER A 60 -30.51 -14.46 12.88
CA SER A 60 -31.09 -13.71 11.76
C SER A 60 -31.61 -12.34 12.18
N ARG A 61 -31.59 -12.07 13.47
CA ARG A 61 -32.11 -10.80 13.97
C ARG A 61 -31.12 -9.66 13.66
N PHE A 62 -29.93 -10.04 13.21
CA PHE A 62 -28.94 -9.08 12.74
C PHE A 62 -29.08 -8.85 11.24
N SER A 63 -29.13 -7.59 10.84
CA SER A 63 -29.22 -7.27 9.42
C SER A 63 -28.34 -6.07 9.08
N GLY A 64 -27.66 -6.17 7.93
CA GLY A 64 -26.83 -5.09 7.42
C GLY A 64 -27.42 -4.49 6.16
N SER A 65 -27.26 -3.19 5.99
CA SER A 65 -27.78 -2.52 4.81
C SER A 65 -26.90 -1.32 4.45
N GLY A 66 -27.12 -0.78 3.25
CA GLY A 66 -26.39 0.40 2.81
C GLY A 66 -25.42 0.15 1.67
N SER A 67 -25.03 1.23 1.00
CA SER A 67 -24.02 1.18 -0.04
C SER A 67 -23.45 2.58 -0.30
N GLY A 68 -22.21 2.63 -0.76
CA GLY A 68 -21.56 3.91 -0.99
C GLY A 68 -20.80 4.40 0.23
N THR A 69 -21.45 5.25 1.03
CA THR A 69 -20.78 5.84 2.19
C THR A 69 -21.51 5.65 3.51
N ASP A 70 -22.80 5.35 3.44
CA ASP A 70 -23.61 5.26 4.66
C ASP A 70 -24.22 3.88 4.88
N PHE A 71 -23.97 3.30 6.05
CA PHE A 71 -24.39 1.94 6.35
C PHE A 71 -25.12 1.82 7.68
N THR A 72 -25.86 0.73 7.87
CA THR A 72 -26.64 0.53 9.11
C THR A 72 -26.61 -0.91 9.58
N LEU A 73 -26.33 -1.11 10.86
CA LEU A 73 -26.45 -2.42 11.47
C LEU A 73 -27.73 -2.42 12.30
N THR A 74 -28.56 -3.44 12.10
CA THR A 74 -29.86 -3.47 12.75
C THR A 74 -30.06 -4.78 13.51
N ILE A 75 -30.51 -4.66 14.76
CA ILE A 75 -30.93 -5.80 15.57
C ILE A 75 -32.44 -5.72 15.74
N SER A 76 -33.18 -6.61 15.11
CA SER A 76 -34.64 -6.55 15.08
C SER A 76 -35.30 -6.66 16.46
N SER A 77 -34.78 -7.57 17.28
CA SER A 77 -35.30 -7.78 18.63
C SER A 77 -34.15 -7.98 19.62
N LEU A 78 -33.78 -6.90 20.31
CA LEU A 78 -32.61 -6.92 21.18
C LEU A 78 -32.71 -7.96 22.29
N GLN A 79 -31.63 -8.72 22.46
CA GLN A 79 -31.53 -9.72 23.52
C GLN A 79 -30.39 -9.33 24.45
N PRO A 80 -30.46 -9.76 25.72
CA PRO A 80 -29.40 -9.39 26.67
C PRO A 80 -28.00 -9.87 26.28
N GLU A 81 -27.90 -10.94 25.51
CA GLU A 81 -26.58 -11.43 25.06
C GLU A 81 -25.94 -10.45 24.10
N ASP A 82 -26.76 -9.58 23.52
CA ASP A 82 -26.31 -8.71 22.46
C ASP A 82 -25.53 -7.50 23.01
N PHE A 83 -25.39 -7.44 24.33
CA PHE A 83 -24.53 -6.46 24.96
C PHE A 83 -23.10 -6.63 24.47
N ALA A 84 -22.58 -5.63 23.76
CA ALA A 84 -21.25 -5.69 23.16
C ALA A 84 -20.86 -4.35 22.55
N THR A 85 -19.61 -4.27 22.09
CA THR A 85 -19.21 -3.14 21.25
C THR A 85 -19.30 -3.59 19.81
N TYR A 86 -19.88 -2.76 18.96
CA TYR A 86 -20.06 -3.13 17.57
C TYR A 86 -19.18 -2.28 16.66
N TYR A 87 -18.45 -2.95 15.78
CA TYR A 87 -17.54 -2.28 14.86
C TYR A 87 -17.90 -2.47 13.40
N CYS A 88 -17.72 -1.43 12.60
CA CYS A 88 -17.78 -1.58 11.15
C CYS A 88 -16.34 -1.64 10.64
N GLN A 89 -16.15 -2.27 9.49
CA GLN A 89 -14.83 -2.34 8.88
C GLN A 89 -14.94 -2.31 7.37
N GLN A 90 -14.14 -1.47 6.73
CA GLN A 90 -14.09 -1.45 5.27
C GLN A 90 -13.13 -2.50 4.74
N SER A 91 -13.53 -3.14 3.65
CA SER A 91 -12.70 -4.13 2.98
C SER A 91 -12.38 -3.61 1.58
N TYR A 92 -12.47 -2.29 1.40
CA TYR A 92 -12.31 -1.68 0.09
C TYR A 92 -10.84 -1.59 -0.35
N SER A 93 -9.96 -1.14 0.54
CA SER A 93 -8.55 -1.00 0.21
C SER A 93 -7.67 -0.97 1.45
N ILE A 94 -6.37 -1.16 1.24
CA ILE A 94 -5.37 -1.08 2.29
C ILE A 94 -5.28 0.37 2.72
N PRO A 95 -5.14 0.64 4.03
CA PRO A 95 -4.88 -0.27 5.16
C PRO A 95 -6.06 -0.73 6.00
N LEU A 96 -7.12 -1.28 5.41
CA LEU A 96 -8.20 -1.94 6.16
C LEU A 96 -8.53 -1.26 7.48
N THR A 97 -9.42 -0.28 7.45
CA THR A 97 -9.70 0.50 8.65
C THR A 97 -11.00 0.12 9.35
N PHE A 98 -10.99 0.19 10.68
CA PHE A 98 -12.17 -0.09 11.49
C PHE A 98 -12.82 1.21 11.94
N GLY A 99 -14.09 1.13 12.32
CA GLY A 99 -14.76 2.26 12.96
C GLY A 99 -14.30 2.35 14.39
N GLN A 100 -14.73 3.39 15.09
CA GLN A 100 -14.30 3.62 16.46
C GLN A 100 -15.10 2.77 17.44
N GLY A 101 -16.22 2.24 16.98
CA GLY A 101 -17.03 1.35 17.79
C GLY A 101 -18.25 2.01 18.42
N THR A 102 -19.30 1.22 18.60
CA THR A 102 -20.51 1.66 19.28
C THR A 102 -20.74 0.76 20.49
N ARG A 103 -20.92 1.36 21.66
CA ARG A 103 -21.17 0.58 22.87
C ARG A 103 -22.67 0.41 23.11
N LEU A 104 -23.16 -0.81 22.94
CA LEU A 104 -24.57 -1.11 23.19
C LEU A 104 -24.76 -1.58 24.62
N GLU A 105 -25.50 -0.79 25.40
CA GLU A 105 -25.84 -1.15 26.78
C GLU A 105 -27.30 -1.57 26.86
N ILE A 106 -27.59 -2.59 27.66
CA ILE A 106 -28.97 -3.04 27.81
C ILE A 106 -29.66 -2.34 28.97
N LYS A 107 -30.82 -1.72 28.70
CA LYS A 107 -31.62 -1.08 29.74
C LYS A 107 -32.60 -2.08 30.35
N ARG A 108 -32.59 -2.16 31.68
CA ARG A 108 -33.51 -3.05 32.38
C ARG A 108 -34.09 -2.37 33.63
N THR A 109 -34.86 -3.11 34.40
CA THR A 109 -35.50 -2.55 35.59
C THR A 109 -34.48 -2.37 36.71
N VAL A 110 -34.79 -1.47 37.64
CA VAL A 110 -33.93 -1.18 38.78
C VAL A 110 -33.78 -2.41 39.67
N ALA A 111 -32.54 -2.70 40.10
CA ALA A 111 -32.27 -3.84 40.97
C ALA A 111 -31.29 -3.42 42.02
N ALA A 112 -31.69 -3.49 43.29
CA ALA A 112 -30.81 -3.11 44.39
C ALA A 112 -29.67 -4.09 44.54
N PRO A 113 -28.48 -3.55 44.86
CA PRO A 113 -27.30 -4.43 45.03
C PRO A 113 -27.38 -5.21 46.34
N SER A 114 -26.70 -6.35 46.37
CA SER A 114 -26.54 -7.08 47.61
C SER A 114 -25.15 -6.74 48.13
N VAL A 115 -25.08 -6.34 49.39
CA VAL A 115 -23.82 -5.85 49.94
C VAL A 115 -23.15 -6.82 50.89
N PHE A 116 -21.85 -7.02 50.71
CA PHE A 116 -21.08 -7.92 51.55
C PHE A 116 -19.79 -7.22 51.96
N ILE A 117 -19.26 -7.55 53.13
CA ILE A 117 -17.98 -6.98 53.52
C ILE A 117 -17.04 -8.12 53.91
N PHE A 118 -15.77 -7.96 53.60
CA PHE A 118 -14.76 -8.98 53.86
C PHE A 118 -13.58 -8.38 54.60
N PRO A 119 -13.41 -8.74 55.88
CA PRO A 119 -12.27 -8.24 56.62
C PRO A 119 -11.00 -8.79 56.00
N PRO A 120 -9.86 -8.12 56.24
CA PRO A 120 -8.54 -8.62 55.79
C PRO A 120 -8.31 -10.04 56.32
N SER A 121 -7.32 -10.74 55.78
CA SER A 121 -7.11 -12.11 56.22
C SER A 121 -5.82 -12.14 57.02
N ASP A 122 -5.73 -13.10 57.93
CA ASP A 122 -4.60 -13.18 58.82
C ASP A 122 -3.37 -13.46 57.97
N GLU A 123 -3.60 -14.20 56.89
CA GLU A 123 -2.55 -14.56 55.94
C GLU A 123 -1.98 -13.29 55.32
N GLN A 124 -2.86 -12.37 54.96
CA GLN A 124 -2.45 -11.10 54.36
C GLN A 124 -1.85 -10.18 55.42
N LEU A 125 -2.52 -10.09 56.56
CA LEU A 125 -2.05 -9.26 57.67
C LEU A 125 -0.66 -9.67 58.14
N LYS A 126 -0.37 -10.96 58.04
CA LYS A 126 0.95 -11.47 58.38
C LYS A 126 2.03 -10.83 57.49
N SER A 127 1.63 -10.37 56.31
CA SER A 127 2.57 -9.79 55.35
C SER A 127 2.67 -8.28 55.53
N GLY A 128 1.68 -7.73 56.22
CA GLY A 128 1.73 -6.36 56.72
C GLY A 128 1.02 -5.36 55.82
N THR A 129 -0.13 -5.78 55.31
CA THR A 129 -1.00 -4.94 54.51
C THR A 129 -2.43 -5.46 54.70
N ALA A 130 -3.41 -4.56 54.69
CA ALA A 130 -4.79 -4.99 54.90
C ALA A 130 -5.72 -4.49 53.81
N SER A 131 -6.31 -5.42 53.09
CA SER A 131 -7.33 -5.08 52.11
C SER A 131 -8.70 -5.35 52.70
N VAL A 132 -9.54 -4.32 52.76
CA VAL A 132 -10.92 -4.53 53.16
C VAL A 132 -11.75 -4.41 51.89
N VAL A 133 -12.54 -5.42 51.59
CA VAL A 133 -13.27 -5.45 50.33
C VAL A 133 -14.77 -5.34 50.57
N CYS A 134 -15.41 -4.43 49.84
CA CYS A 134 -16.87 -4.36 49.88
C CYS A 134 -17.44 -4.83 48.55
N LEU A 135 -18.41 -5.73 48.60
CA LEU A 135 -19.02 -6.26 47.38
C LEU A 135 -20.45 -5.79 47.15
N LEU A 136 -20.68 -5.16 46.01
CA LEU A 136 -22.04 -4.84 45.56
C LEU A 136 -22.35 -5.81 44.44
N ASN A 137 -23.43 -6.56 44.56
CA ASN A 137 -23.67 -7.63 43.61
C ASN A 137 -24.99 -7.51 42.87
N ASN A 138 -24.91 -7.57 41.54
CA ASN A 138 -26.08 -7.67 40.67
C ASN A 138 -27.05 -6.50 40.80
N PHE A 139 -26.58 -5.29 40.48
CA PHE A 139 -27.42 -4.10 40.58
C PHE A 139 -27.62 -3.38 39.24
N TYR A 140 -28.69 -2.58 39.17
CA TYR A 140 -29.02 -1.73 38.03
C TYR A 140 -29.83 -0.52 38.51
N PRO A 141 -29.40 0.68 38.10
CA PRO A 141 -28.34 0.91 37.11
C PRO A 141 -26.93 0.91 37.68
N ARG A 142 -25.99 1.32 36.85
CA ARG A 142 -24.57 1.26 37.17
C ARG A 142 -24.20 2.20 38.31
N GLU A 143 -24.82 3.38 38.33
CA GLU A 143 -24.47 4.39 39.32
C GLU A 143 -24.69 3.93 40.76
N ALA A 144 -23.62 3.96 41.54
CA ALA A 144 -23.68 3.56 42.94
C ALA A 144 -22.64 4.32 43.74
N LYS A 145 -22.98 4.69 44.98
CA LYS A 145 -22.04 5.37 45.86
C LYS A 145 -21.59 4.45 46.99
N VAL A 146 -20.29 4.33 47.18
CA VAL A 146 -19.72 3.48 48.22
C VAL A 146 -18.76 4.27 49.08
N GLN A 147 -19.17 4.56 50.30
CA GLN A 147 -18.38 5.37 51.22
C GLN A 147 -17.83 4.51 52.35
N TRP A 148 -16.52 4.52 52.53
CA TRP A 148 -15.91 3.82 53.67
C TRP A 148 -15.87 4.70 54.93
N LYS A 149 -16.07 4.09 56.09
CA LYS A 149 -15.87 4.82 57.32
C LYS A 149 -15.20 3.94 58.37
N VAL A 150 -14.06 4.41 58.86
CA VAL A 150 -13.33 3.72 59.89
C VAL A 150 -13.37 4.47 61.23
N ASP A 151 -13.93 3.82 62.24
CA ASP A 151 -14.14 4.43 63.56
C ASP A 151 -15.00 5.69 63.45
N ASN A 152 -16.03 5.62 62.62
CA ASN A 152 -17.00 6.69 62.41
C ASN A 152 -16.46 7.88 61.63
N ALA A 153 -15.19 7.83 61.24
CA ALA A 153 -14.64 8.82 60.33
C ALA A 153 -14.78 8.36 58.88
N LEU A 154 -15.09 9.29 57.99
CA LEU A 154 -15.28 8.95 56.59
C LEU A 154 -13.94 9.00 55.88
N GLN A 155 -13.67 7.97 55.07
CA GLN A 155 -12.37 7.81 54.42
C GLN A 155 -12.29 8.49 53.06
N SER A 156 -11.06 8.77 52.65
CA SER A 156 -10.78 9.40 51.36
C SER A 156 -9.37 9.11 50.86
N GLY A 157 -9.27 8.69 49.60
CA GLY A 157 -7.99 8.52 48.94
C GLY A 157 -7.30 7.18 49.18
N ASN A 158 -7.99 6.28 49.88
CA ASN A 158 -7.43 4.98 50.20
C ASN A 158 -8.32 3.82 49.79
N SER A 159 -9.26 4.08 48.89
CA SER A 159 -10.14 3.03 48.39
C SER A 159 -10.15 3.14 46.87
N GLN A 160 -10.15 1.99 46.21
CA GLN A 160 -10.19 1.98 44.76
C GLN A 160 -11.22 0.95 44.32
N GLU A 161 -12.10 1.32 43.39
CA GLU A 161 -13.18 0.43 43.01
C GLU A 161 -13.09 -0.11 41.58
N SER A 162 -13.64 -1.29 41.39
CA SER A 162 -13.66 -1.94 40.10
C SER A 162 -15.08 -2.39 39.82
N VAL A 163 -15.48 -2.37 38.56
CA VAL A 163 -16.83 -2.73 38.20
C VAL A 163 -16.81 -3.77 37.08
N THR A 164 -17.75 -4.70 37.12
CA THR A 164 -17.84 -5.71 36.07
C THR A 164 -18.55 -5.14 34.85
N GLU A 165 -18.43 -5.85 33.74
CA GLU A 165 -19.14 -5.44 32.53
C GLU A 165 -20.53 -6.03 32.65
N GLN A 166 -21.49 -5.39 31.99
CA GLN A 166 -22.89 -5.78 32.08
C GLN A 166 -23.08 -7.26 31.81
N ASP A 167 -23.86 -7.91 32.67
CA ASP A 167 -24.07 -9.35 32.58
C ASP A 167 -24.81 -9.72 31.30
N SER A 168 -24.41 -10.84 30.70
CA SER A 168 -24.97 -11.25 29.42
C SER A 168 -26.37 -11.85 29.55
N LYS A 169 -26.80 -12.11 30.79
CA LYS A 169 -28.08 -12.75 31.03
C LYS A 169 -29.08 -11.84 31.75
N ASP A 170 -28.65 -11.24 32.86
CA ASP A 170 -29.58 -10.43 33.67
C ASP A 170 -29.31 -8.93 33.57
N SER A 171 -28.32 -8.58 32.75
CA SER A 171 -28.00 -7.19 32.44
C SER A 171 -27.62 -6.41 33.69
N THR A 172 -27.08 -7.10 34.68
CA THR A 172 -26.72 -6.44 35.95
C THR A 172 -25.25 -6.08 36.03
N TYR A 173 -24.93 -5.33 37.07
CA TYR A 173 -23.57 -4.88 37.35
C TYR A 173 -23.12 -5.39 38.70
N SER A 174 -21.83 -5.50 38.89
CA SER A 174 -21.30 -5.87 40.19
C SER A 174 -20.07 -5.01 40.40
N LEU A 175 -19.89 -4.55 41.64
CA LEU A 175 -18.78 -3.66 41.93
C LEU A 175 -18.07 -4.10 43.20
N SER A 176 -16.77 -3.83 43.24
CA SER A 176 -15.99 -4.08 44.43
C SER A 176 -15.35 -2.77 44.83
N SER A 177 -15.34 -2.52 46.13
CA SER A 177 -14.62 -1.37 46.66
C SER A 177 -13.58 -1.93 47.61
N THR A 178 -12.33 -1.54 47.42
CA THR A 178 -11.27 -2.14 48.22
C THR A 178 -10.52 -1.08 49.00
N LEU A 179 -10.56 -1.19 50.32
CA LEU A 179 -9.88 -0.25 51.20
C LEU A 179 -8.52 -0.84 51.54
N THR A 180 -7.45 -0.13 51.21
CA THR A 180 -6.11 -0.65 51.42
C THR A 180 -5.36 0.11 52.52
N LEU A 181 -5.03 -0.60 53.61
CA LEU A 181 -4.36 0.01 54.75
C LEU A 181 -3.08 -0.77 55.10
N SER A 182 -2.14 -0.09 55.75
CA SER A 182 -0.99 -0.77 56.33
C SER A 182 -1.47 -1.55 57.54
N LYS A 183 -0.81 -2.67 57.85
CA LYS A 183 -1.14 -3.44 59.04
C LYS A 183 -1.20 -2.55 60.27
N ALA A 184 -0.21 -1.67 60.40
CA ALA A 184 -0.16 -0.70 61.50
C ALA A 184 -1.44 0.11 61.62
N ASP A 185 -1.77 0.83 60.57
CA ASP A 185 -2.95 1.69 60.57
C ASP A 185 -4.25 0.88 60.72
N TYR A 186 -4.25 -0.36 60.25
CA TYR A 186 -5.45 -1.20 60.34
C TYR A 186 -5.79 -1.58 61.79
N GLU A 187 -4.78 -1.94 62.55
CA GLU A 187 -5.01 -2.36 63.94
C GLU A 187 -5.23 -1.19 64.87
N LYS A 188 -4.81 0.00 64.43
CA LYS A 188 -5.02 1.25 65.17
C LYS A 188 -6.51 1.57 65.29
N HIS A 189 -7.34 0.90 64.50
CA HIS A 189 -8.77 1.15 64.49
C HIS A 189 -9.57 -0.14 64.70
N LYS A 190 -10.89 -0.04 64.73
CA LYS A 190 -11.72 -1.19 65.12
C LYS A 190 -12.98 -1.41 64.28
N VAL A 191 -13.73 -0.34 64.07
CA VAL A 191 -14.99 -0.44 63.35
C VAL A 191 -14.81 -0.07 61.88
N TYR A 192 -15.09 -1.02 61.00
CA TYR A 192 -14.99 -0.80 59.57
C TYR A 192 -16.35 -0.99 58.93
N ALA A 193 -16.79 0.01 58.18
CA ALA A 193 -18.13 -0.02 57.60
C ALA A 193 -18.13 0.39 56.13
N CYS A 194 -19.04 -0.22 55.37
CA CYS A 194 -19.26 0.09 53.97
C CYS A 194 -20.68 0.61 53.80
N GLU A 195 -20.84 1.90 53.51
CA GLU A 195 -22.18 2.44 53.31
C GLU A 195 -22.48 2.60 51.83
N VAL A 196 -23.59 2.01 51.38
CA VAL A 196 -23.93 1.98 49.96
C VAL A 196 -25.25 2.68 49.69
N THR A 197 -25.25 3.61 48.73
CA THR A 197 -26.48 4.26 48.33
C THR A 197 -26.72 3.92 46.86
N HIS A 198 -27.96 3.59 46.52
CA HIS A 198 -28.31 3.19 45.17
C HIS A 198 -29.79 3.45 44.92
N GLN A 199 -30.15 3.62 43.66
CA GLN A 199 -31.52 3.95 43.27
C GLN A 199 -32.52 2.91 43.79
N GLY A 200 -32.07 1.67 43.89
CA GLY A 200 -32.92 0.57 44.32
C GLY A 200 -33.05 0.49 45.83
N LEU A 201 -32.15 1.15 46.54
CA LEU A 201 -32.21 1.19 48.00
C LEU A 201 -32.92 2.46 48.46
N SER A 202 -33.95 2.29 49.28
CA SER A 202 -34.73 3.42 49.79
C SER A 202 -33.90 4.25 50.76
N SER A 203 -33.04 3.58 51.52
CA SER A 203 -32.13 4.24 52.45
C SER A 203 -30.79 3.52 52.36
N PRO A 204 -29.68 4.25 52.51
CA PRO A 204 -28.35 3.65 52.38
C PRO A 204 -28.17 2.40 53.25
N VAL A 205 -27.44 1.42 52.73
CA VAL A 205 -27.24 0.17 53.44
C VAL A 205 -25.80 0.11 53.97
N THR A 206 -25.65 -0.27 55.23
CA THR A 206 -24.31 -0.34 55.80
C THR A 206 -23.99 -1.76 56.24
N LYS A 207 -22.80 -2.23 55.86
CA LYS A 207 -22.29 -3.51 56.34
C LYS A 207 -20.99 -3.25 57.07
N SER A 208 -20.83 -3.87 58.23
CA SER A 208 -19.70 -3.57 59.08
C SER A 208 -19.19 -4.80 59.81
N PHE A 209 -17.97 -4.70 60.32
CA PHE A 209 -17.42 -5.69 61.23
C PHE A 209 -16.50 -4.97 62.21
N ASN A 210 -16.25 -5.60 63.36
CA ASN A 210 -15.29 -5.07 64.32
C ASN A 210 -14.12 -6.02 64.40
N ARG A 211 -12.90 -5.46 64.36
CA ARG A 211 -11.64 -6.12 64.78
C ARG A 211 -10.52 -5.09 64.68
N GLN B 1 -14.57 -25.32 11.98
CA GLN B 1 -13.59 -26.34 12.38
C GLN B 1 -12.22 -25.71 12.60
N VAL B 2 -11.93 -24.66 11.84
CA VAL B 2 -10.61 -24.02 11.89
C VAL B 2 -10.48 -23.06 13.09
N GLN B 3 -9.34 -23.13 13.78
CA GLN B 3 -9.13 -22.38 15.01
C GLN B 3 -7.72 -21.77 15.03
N LEU B 4 -7.58 -20.59 15.63
CA LEU B 4 -6.26 -19.95 15.72
C LEU B 4 -5.88 -19.68 17.18
N GLN B 5 -4.60 -19.80 17.49
CA GLN B 5 -4.11 -19.53 18.82
C GLN B 5 -2.84 -18.69 18.78
N GLU B 6 -2.87 -17.56 19.46
CA GLU B 6 -1.71 -16.68 19.55
C GLU B 6 -0.77 -17.22 20.62
N SER B 7 0.52 -17.23 20.31
CA SER B 7 1.53 -17.62 21.29
C SER B 7 2.71 -16.65 21.22
N GLY B 8 3.35 -16.45 22.36
CA GLY B 8 4.45 -15.52 22.48
C GLY B 8 4.46 -14.91 23.86
N PRO B 9 5.54 -14.18 24.19
CA PRO B 9 5.68 -13.56 25.51
C PRO B 9 4.64 -12.47 25.74
N GLY B 10 4.28 -12.28 27.00
CA GLY B 10 3.34 -11.25 27.38
C GLY B 10 4.05 -9.95 27.72
N LEU B 11 5.28 -10.07 28.21
CA LEU B 11 6.08 -8.91 28.57
C LEU B 11 7.25 -8.71 27.61
N VAL B 12 7.43 -7.48 27.15
CA VAL B 12 8.53 -7.13 26.24
C VAL B 12 9.14 -5.79 26.65
N LYS B 13 10.45 -5.76 26.81
CA LYS B 13 11.16 -4.53 27.19
C LYS B 13 11.16 -3.52 26.06
N PRO B 14 11.15 -2.22 26.40
CA PRO B 14 11.20 -1.15 25.40
C PRO B 14 12.40 -1.28 24.48
N SER B 15 12.28 -0.78 23.25
CA SER B 15 13.32 -0.85 22.21
C SER B 15 13.57 -2.27 21.66
N GLU B 16 13.13 -3.28 22.41
CA GLU B 16 13.28 -4.67 21.95
C GLU B 16 12.12 -5.02 21.03
N THR B 17 12.05 -6.28 20.60
CA THR B 17 11.12 -6.65 19.56
C THR B 17 10.05 -7.61 20.05
N LEU B 18 8.80 -7.32 19.68
CA LEU B 18 7.68 -8.17 20.03
C LEU B 18 7.57 -9.26 18.99
N SER B 19 7.47 -10.49 19.45
CA SER B 19 7.37 -11.63 18.55
C SER B 19 6.22 -12.53 18.93
N LEU B 20 5.20 -12.56 18.08
CA LEU B 20 4.02 -13.37 18.33
C LEU B 20 3.89 -14.43 17.25
N THR B 21 3.39 -15.60 17.64
CA THR B 21 3.17 -16.66 16.69
C THR B 21 1.71 -17.09 16.75
N CYS B 22 1.15 -17.40 15.59
CA CYS B 22 -0.22 -17.88 15.50
C CYS B 22 -0.22 -19.29 14.95
N THR B 23 -0.99 -20.16 15.57
CA THR B 23 -1.02 -21.56 15.16
C THR B 23 -2.38 -21.92 14.58
N VAL B 24 -2.38 -22.54 13.41
CA VAL B 24 -3.60 -22.90 12.71
C VAL B 24 -3.94 -24.38 12.91
N SER B 25 -5.18 -24.65 13.34
CA SER B 25 -5.64 -26.02 13.57
C SER B 25 -6.99 -26.24 12.91
N GLY B 26 -7.24 -27.46 12.44
CA GLY B 26 -8.51 -27.76 11.81
C GLY B 26 -8.53 -27.36 10.35
N GLY B 27 -7.37 -26.93 9.86
CA GLY B 27 -7.25 -26.46 8.49
C GLY B 27 -5.81 -26.08 8.17
N SER B 28 -5.59 -25.61 6.94
CA SER B 28 -4.24 -25.32 6.46
C SER B 28 -4.06 -23.89 5.97
N ILE B 29 -2.81 -23.43 6.01
CA ILE B 29 -2.43 -22.09 5.58
C ILE B 29 -2.72 -21.87 4.08
N SER B 30 -2.96 -22.96 3.38
CA SER B 30 -3.16 -22.94 1.93
C SER B 30 -4.29 -22.02 1.41
N SER B 31 -3.87 -21.00 0.68
CA SER B 31 -4.70 -20.04 -0.09
C SER B 31 -5.39 -18.90 0.65
N TYR B 32 -5.02 -18.64 1.90
CA TYR B 32 -5.69 -17.55 2.60
C TYR B 32 -4.74 -16.42 3.04
N TYR B 33 -5.30 -15.26 3.37
CA TYR B 33 -4.51 -14.18 3.94
C TYR B 33 -4.43 -14.39 5.45
N TRP B 34 -3.28 -14.09 6.04
CA TRP B 34 -3.11 -14.29 7.47
C TRP B 34 -2.62 -13.02 8.12
N SER B 35 -3.45 -12.52 9.04
CA SER B 35 -3.31 -11.15 9.52
C SER B 35 -3.14 -10.99 11.02
N TRP B 36 -2.73 -9.80 11.40
CA TRP B 36 -2.60 -9.44 12.79
C TRP B 36 -3.38 -8.17 13.06
N ILE B 37 -4.14 -8.18 14.16
CA ILE B 37 -4.92 -7.04 14.58
C ILE B 37 -4.60 -6.81 16.05
N ARG B 38 -4.64 -5.56 16.50
CA ARG B 38 -4.41 -5.29 17.92
C ARG B 38 -5.44 -4.31 18.49
N GLN B 39 -5.52 -4.27 19.82
CA GLN B 39 -6.49 -3.43 20.50
C GLN B 39 -5.92 -3.01 21.84
N PRO B 40 -5.54 -1.73 21.94
CA PRO B 40 -5.06 -1.19 23.22
C PRO B 40 -6.22 -1.16 24.20
N PRO B 41 -5.94 -1.20 25.52
CA PRO B 41 -7.04 -1.34 26.48
C PRO B 41 -8.07 -0.22 26.40
N GLY B 42 -9.30 -0.58 26.05
CA GLY B 42 -10.39 0.36 25.95
C GLY B 42 -10.30 1.26 24.72
N LYS B 43 -9.74 0.76 23.63
CA LYS B 43 -9.33 1.65 22.54
C LYS B 43 -9.60 1.23 21.08
N GLY B 44 -10.50 0.28 20.85
CA GLY B 44 -10.87 -0.08 19.49
C GLY B 44 -9.77 -0.72 18.65
N LEU B 45 -10.11 -1.14 17.44
CA LEU B 45 -9.23 -2.04 16.69
C LEU B 45 -8.32 -1.36 15.67
N GLU B 46 -7.06 -1.79 15.63
CA GLU B 46 -6.13 -1.32 14.61
C GLU B 46 -5.53 -2.50 13.85
N TRP B 47 -5.73 -2.49 12.55
CA TRP B 47 -5.20 -3.49 11.65
C TRP B 47 -3.69 -3.30 11.56
N ILE B 48 -2.93 -4.38 11.69
CA ILE B 48 -1.48 -4.32 11.54
C ILE B 48 -1.07 -4.61 10.10
N GLY B 49 -1.42 -5.80 9.63
CA GLY B 49 -1.10 -6.20 8.27
C GLY B 49 -1.51 -7.62 8.01
N TYR B 50 -1.25 -8.13 6.82
CA TYR B 50 -1.44 -9.55 6.55
C TYR B 50 -0.34 -10.15 5.67
N ILE B 51 -0.38 -11.46 5.52
CA ILE B 51 0.51 -12.18 4.62
C ILE B 51 -0.36 -13.16 3.85
N TYR B 52 -0.12 -13.26 2.55
CA TYR B 52 -0.82 -14.20 1.71
C TYR B 52 0.02 -15.46 1.65
N TYR B 53 -0.62 -16.60 1.45
CA TYR B 53 0.05 -17.89 1.63
C TYR B 53 1.30 -18.02 0.77
N SER B 54 1.37 -17.24 -0.31
CA SER B 54 2.47 -17.31 -1.25
C SER B 54 3.64 -16.41 -0.83
N GLY B 55 3.44 -15.62 0.22
CA GLY B 55 4.51 -14.84 0.79
C GLY B 55 4.28 -13.35 0.77
N SER B 56 3.34 -12.91 -0.07
CA SER B 56 3.08 -11.48 -0.26
C SER B 56 2.56 -10.82 1.02
N THR B 57 3.09 -9.63 1.33
CA THR B 57 2.72 -8.91 2.54
C THR B 57 2.04 -7.57 2.22
N ASP B 58 1.22 -7.11 3.16
CA ASP B 58 0.65 -5.77 3.11
C ASP B 58 0.54 -5.28 4.54
N TYR B 59 1.17 -4.16 4.85
CA TYR B 59 1.20 -3.67 6.22
C TYR B 59 0.49 -2.32 6.37
N ASN B 60 0.16 -1.96 7.61
CA ASN B 60 -0.39 -0.65 7.93
C ASN B 60 0.76 0.36 7.82
N PRO B 61 0.53 1.44 7.06
CA PRO B 61 1.56 2.46 6.81
C PRO B 61 2.15 3.05 8.08
N SER B 62 1.38 3.07 9.16
CA SER B 62 1.84 3.62 10.43
C SER B 62 2.84 2.70 11.15
N LEU B 63 2.97 1.46 10.66
CA LEU B 63 3.83 0.48 11.32
C LEU B 63 4.81 -0.16 10.34
N LYS B 64 4.69 0.19 9.05
CA LYS B 64 5.44 -0.46 7.97
C LYS B 64 6.92 -0.68 8.26
N SER B 65 7.53 0.29 8.94
CA SER B 65 8.96 0.25 9.22
C SER B 65 9.32 -0.79 10.27
N ARG B 66 8.41 -0.98 11.23
CA ARG B 66 8.71 -1.80 12.39
C ARG B 66 8.20 -3.24 12.30
N VAL B 67 7.31 -3.51 11.36
CA VAL B 67 6.59 -4.78 11.33
C VAL B 67 7.15 -5.79 10.32
N THR B 68 7.20 -7.05 10.71
CA THR B 68 7.50 -8.13 9.78
C THR B 68 6.56 -9.31 10.03
N ILE B 69 5.70 -9.58 9.06
CA ILE B 69 4.82 -10.74 9.12
C ILE B 69 5.39 -11.81 8.22
N SER B 70 5.51 -13.02 8.75
CA SER B 70 6.06 -14.13 7.99
C SER B 70 5.15 -15.34 8.11
N VAL B 71 5.23 -16.24 7.14
CA VAL B 71 4.40 -17.44 7.14
C VAL B 71 5.28 -18.67 6.99
N ASP B 72 4.88 -19.75 7.66
CA ASP B 72 5.62 -21.00 7.65
C ASP B 72 4.66 -22.12 7.32
N THR B 73 4.61 -22.49 6.04
CA THR B 73 3.70 -23.52 5.59
C THR B 73 4.12 -24.88 6.15
N SER B 74 5.41 -25.01 6.42
CA SER B 74 5.96 -26.26 6.94
C SER B 74 5.36 -26.69 8.28
N LYS B 75 4.84 -25.73 9.04
CA LYS B 75 4.41 -26.01 10.42
C LYS B 75 3.02 -25.44 10.74
N ASN B 76 2.26 -25.03 9.73
CA ASN B 76 0.94 -24.44 9.93
C ASN B 76 0.95 -23.24 10.88
N GLN B 77 1.87 -22.31 10.66
CA GLN B 77 2.03 -21.16 11.54
C GLN B 77 2.38 -19.92 10.75
N PHE B 78 2.09 -18.76 11.34
CA PHE B 78 2.59 -17.50 10.83
C PHE B 78 2.88 -16.57 12.00
N SER B 79 3.84 -15.68 11.82
CA SER B 79 4.37 -14.94 12.94
C SER B 79 4.31 -13.45 12.73
N LEU B 80 4.36 -12.72 13.84
CA LEU B 80 4.43 -11.27 13.81
C LEU B 80 5.69 -10.86 14.52
N LYS B 81 6.38 -9.88 13.95
CA LYS B 81 7.49 -9.24 14.62
C LYS B 81 7.29 -7.74 14.56
N LEU B 82 7.39 -7.08 15.71
CA LEU B 82 7.26 -5.64 15.80
C LEU B 82 8.47 -5.09 16.52
N SER B 83 9.30 -4.34 15.80
CA SER B 83 10.58 -3.86 16.34
C SER B 83 10.47 -2.52 17.05
N SER B 84 11.42 -2.27 17.97
CA SER B 84 11.47 -1.02 18.73
C SER B 84 10.14 -0.66 19.38
N VAL B 85 9.66 -1.53 20.26
CA VAL B 85 8.33 -1.35 20.84
C VAL B 85 8.30 -0.32 21.97
N THR B 86 7.21 0.45 22.01
CA THR B 86 6.99 1.47 23.03
C THR B 86 5.67 1.20 23.73
N ALA B 87 5.44 1.87 24.86
CA ALA B 87 4.18 1.75 25.59
C ALA B 87 2.93 1.91 24.72
N ALA B 88 3.06 2.54 23.56
CA ALA B 88 1.95 2.69 22.64
C ALA B 88 1.61 1.37 21.94
N ASP B 89 2.53 0.41 22.05
CA ASP B 89 2.35 -0.90 21.46
C ASP B 89 1.76 -1.89 22.46
N THR B 90 1.42 -1.39 23.64
CA THR B 90 0.77 -2.24 24.65
C THR B 90 -0.68 -2.45 24.26
N ALA B 91 -1.06 -3.71 24.03
CA ALA B 91 -2.39 -4.03 23.52
C ALA B 91 -2.68 -5.51 23.60
N VAL B 92 -3.93 -5.87 23.29
CA VAL B 92 -4.27 -7.26 23.04
C VAL B 92 -4.10 -7.52 21.55
N TYR B 93 -3.29 -8.52 21.21
CA TYR B 93 -2.97 -8.81 19.82
C TYR B 93 -3.71 -10.05 19.31
N TYR B 94 -4.33 -9.91 18.15
CA TYR B 94 -5.11 -10.98 17.57
C TYR B 94 -4.52 -11.45 16.25
N CYS B 95 -4.55 -12.76 16.02
CA CYS B 95 -4.28 -13.28 14.68
C CYS B 95 -5.62 -13.64 14.06
N ALA B 96 -5.75 -13.48 12.76
CA ALA B 96 -7.03 -13.73 12.11
C ALA B 96 -6.89 -14.16 10.66
N ARG B 97 -7.86 -14.92 10.17
CA ARG B 97 -7.88 -15.29 8.76
C ARG B 97 -8.73 -14.32 7.98
N ARG B 98 -8.13 -13.74 6.94
CA ARG B 98 -8.85 -12.92 5.99
C ARG B 98 -9.02 -13.80 4.74
N ARG B 99 -10.27 -14.14 4.39
CA ARG B 99 -10.54 -14.98 3.23
C ARG B 99 -11.29 -14.18 2.18
N SER B 100 -11.09 -14.55 0.92
CA SER B 100 -11.82 -13.95 -0.18
C SER B 100 -13.04 -14.82 -0.43
N ASP B 101 -14.13 -14.18 -0.85
CA ASP B 101 -15.38 -14.89 -1.13
C ASP B 101 -16.15 -14.13 -2.19
N PHE B 102 -17.09 -14.81 -2.83
CA PHE B 102 -17.95 -14.19 -3.83
C PHE B 102 -19.16 -15.07 -4.13
N GLU B 103 -20.26 -14.44 -4.54
CA GLU B 103 -21.43 -15.22 -4.92
C GLU B 103 -21.49 -15.35 -6.44
N THR B 104 -21.02 -14.30 -7.13
CA THR B 104 -20.74 -14.34 -8.56
C THR B 104 -19.46 -13.53 -8.78
N VAL B 105 -18.63 -13.95 -9.74
CA VAL B 105 -17.31 -13.37 -9.94
C VAL B 105 -17.28 -11.87 -10.20
N ASP B 106 -18.46 -11.27 -10.43
CA ASP B 106 -18.54 -9.84 -10.69
C ASP B 106 -18.29 -9.05 -9.42
N PHE B 107 -18.54 -9.69 -8.28
CA PHE B 107 -18.44 -9.04 -6.99
C PHE B 107 -17.60 -9.90 -6.06
N ILE B 108 -16.38 -9.44 -5.78
CA ILE B 108 -15.45 -10.22 -4.99
C ILE B 108 -15.02 -9.43 -3.74
N TYR B 109 -15.34 -9.98 -2.57
CA TYR B 109 -15.16 -9.27 -1.32
C TYR B 109 -14.35 -10.07 -0.31
N HIS B 110 -13.78 -9.39 0.66
CA HIS B 110 -13.01 -10.05 1.71
C HIS B 110 -13.61 -9.80 3.09
N TYR B 111 -13.23 -10.65 4.06
CA TYR B 111 -13.64 -10.51 5.44
C TYR B 111 -12.81 -11.39 6.37
N MET B 112 -12.72 -10.99 7.63
CA MET B 112 -11.95 -11.75 8.61
C MET B 112 -12.90 -12.57 9.49
N ASP B 113 -12.93 -13.87 9.23
CA ASP B 113 -13.94 -14.76 9.79
C ASP B 113 -13.43 -15.58 10.96
N VAL B 114 -12.16 -15.95 10.92
CA VAL B 114 -11.56 -16.75 11.97
C VAL B 114 -10.59 -15.90 12.78
N TRP B 115 -10.78 -15.90 14.09
CA TRP B 115 -9.98 -15.10 15.01
C TRP B 115 -9.34 -15.94 16.10
N GLY B 116 -8.13 -15.56 16.50
CA GLY B 116 -7.50 -16.15 17.67
C GLY B 116 -8.15 -15.62 18.94
N LYS B 117 -7.63 -16.01 20.09
CA LYS B 117 -8.26 -15.64 21.34
C LYS B 117 -7.72 -14.31 21.86
N GLY B 118 -6.64 -13.87 21.25
CA GLY B 118 -6.00 -12.64 21.66
C GLY B 118 -4.94 -12.91 22.71
N THR B 119 -3.80 -12.26 22.58
CA THR B 119 -2.72 -12.39 23.55
C THR B 119 -2.34 -10.99 24.04
N THR B 120 -2.16 -10.85 25.34
CA THR B 120 -1.97 -9.54 25.93
C THR B 120 -0.49 -9.27 26.03
N VAL B 121 -0.07 -8.14 25.49
CA VAL B 121 1.35 -7.79 25.51
C VAL B 121 1.53 -6.43 26.16
N THR B 122 2.40 -6.41 27.16
CA THR B 122 2.72 -5.19 27.88
C THR B 122 4.16 -4.83 27.60
N VAL B 123 4.42 -3.57 27.25
CA VAL B 123 5.79 -3.11 27.08
C VAL B 123 6.20 -2.35 28.32
N SER B 124 6.97 -2.98 29.19
CA SER B 124 7.45 -2.33 30.41
C SER B 124 8.87 -2.74 30.74
N SER B 125 9.58 -1.88 31.45
CA SER B 125 10.92 -2.20 31.92
C SER B 125 10.86 -2.83 33.30
N ALA B 126 9.68 -3.36 33.65
CA ALA B 126 9.48 -3.95 34.97
C ALA B 126 9.56 -5.46 34.89
N SER B 127 9.95 -6.09 36.00
CA SER B 127 10.10 -7.53 36.03
C SER B 127 8.75 -8.17 36.31
N THR B 128 8.58 -9.41 35.87
CA THR B 128 7.37 -10.14 36.17
C THR B 128 7.35 -10.42 37.67
N LYS B 129 6.15 -10.49 38.25
CA LYS B 129 6.00 -10.85 39.65
C LYS B 129 4.69 -11.60 39.81
N GLY B 130 4.76 -12.77 40.43
CA GLY B 130 3.57 -13.57 40.66
C GLY B 130 2.69 -12.95 41.72
N PRO B 131 1.39 -13.22 41.65
CA PRO B 131 0.43 -12.67 42.62
C PRO B 131 0.44 -13.42 43.94
N SER B 132 0.06 -12.73 45.00
CA SER B 132 -0.21 -13.36 46.28
C SER B 132 -1.72 -13.47 46.42
N VAL B 133 -2.22 -14.65 46.76
CA VAL B 133 -3.66 -14.88 46.84
C VAL B 133 -4.16 -15.03 48.26
N PHE B 134 -5.23 -14.29 48.58
CA PHE B 134 -5.79 -14.30 49.93
C PHE B 134 -7.29 -14.53 49.88
N PRO B 135 -7.80 -15.30 50.87
CA PRO B 135 -9.22 -15.65 50.91
C PRO B 135 -10.13 -14.50 51.34
N LEU B 136 -11.29 -14.40 50.71
CA LEU B 136 -12.33 -13.51 51.20
C LEU B 136 -13.37 -14.40 51.84
N ALA B 137 -13.26 -14.57 53.15
CA ALA B 137 -14.07 -15.54 53.86
C ALA B 137 -15.46 -14.99 54.15
N PRO B 138 -16.47 -15.85 54.10
CA PRO B 138 -17.84 -15.44 54.41
C PRO B 138 -18.06 -15.40 55.93
N SER B 139 -19.18 -14.83 56.37
CA SER B 139 -19.52 -14.78 57.80
C SER B 139 -21.03 -14.95 57.99
N SER B 140 -21.54 -14.46 59.12
CA SER B 140 -22.99 -14.32 59.26
C SER B 140 -23.45 -13.45 58.10
N LYS B 141 -24.07 -14.09 57.11
CA LYS B 141 -24.31 -13.44 55.84
C LYS B 141 -25.78 -13.44 55.40
N SER B 142 -26.13 -12.47 54.56
CA SER B 142 -27.48 -12.22 54.06
C SER B 142 -28.38 -11.61 55.12
N GLY B 145 -31.73 -13.72 53.19
CA GLY B 145 -32.10 -15.01 52.61
C GLY B 145 -31.01 -16.04 52.74
N GLY B 146 -30.97 -16.98 51.81
CA GLY B 146 -29.97 -18.02 51.83
C GLY B 146 -28.96 -17.90 50.70
N THR B 147 -28.19 -16.81 50.72
CA THR B 147 -27.10 -16.62 49.78
C THR B 147 -25.84 -16.23 50.53
N ALA B 148 -24.70 -16.75 50.09
CA ALA B 148 -23.43 -16.45 50.72
C ALA B 148 -22.41 -16.04 49.66
N ALA B 149 -21.64 -15.00 49.95
CA ALA B 149 -20.62 -14.53 49.04
C ALA B 149 -19.26 -14.82 49.61
N LEU B 150 -18.42 -15.50 48.82
CA LEU B 150 -17.05 -15.79 49.21
C LEU B 150 -16.15 -15.46 48.03
N GLY B 151 -14.85 -15.35 48.27
CA GLY B 151 -13.95 -14.95 47.21
C GLY B 151 -12.46 -15.11 47.42
N CYS B 152 -11.70 -14.58 46.48
CA CYS B 152 -10.24 -14.61 46.51
C CYS B 152 -9.64 -13.28 46.08
N LEU B 153 -8.63 -12.83 46.82
CA LEU B 153 -7.98 -11.56 46.52
C LEU B 153 -6.64 -11.83 45.86
N VAL B 154 -6.57 -11.59 44.57
CA VAL B 154 -5.35 -11.82 43.80
C VAL B 154 -4.58 -10.52 43.73
N LYS B 155 -3.44 -10.46 44.43
CA LYS B 155 -2.81 -9.16 44.70
C LYS B 155 -1.33 -9.09 44.31
N ASP B 156 -0.94 -7.91 43.79
CA ASP B 156 0.46 -7.57 43.51
C ASP B 156 1.11 -8.45 42.44
N TYR B 157 0.54 -8.46 41.24
CA TYR B 157 1.13 -9.22 40.16
C TYR B 157 1.41 -8.34 38.95
N PHE B 158 2.27 -8.81 38.06
CA PHE B 158 2.64 -8.08 36.87
C PHE B 158 3.32 -9.02 35.87
N PRO B 159 2.99 -8.86 34.58
CA PRO B 159 1.96 -7.94 34.08
C PRO B 159 0.62 -8.66 34.01
N GLU B 160 -0.35 -8.04 33.33
CA GLU B 160 -1.64 -8.68 33.11
C GLU B 160 -1.45 -9.81 32.10
N PRO B 161 -2.35 -10.80 32.11
CA PRO B 161 -3.49 -10.95 33.02
C PRO B 161 -3.30 -12.14 33.95
N VAL B 162 -4.24 -12.34 34.86
CA VAL B 162 -4.33 -13.59 35.57
C VAL B 162 -5.63 -14.23 35.15
N THR B 163 -5.67 -15.55 35.13
CA THR B 163 -6.95 -16.23 34.95
C THR B 163 -7.33 -16.88 36.27
N VAL B 164 -8.59 -16.74 36.67
CA VAL B 164 -9.05 -17.36 37.91
C VAL B 164 -10.26 -18.22 37.59
N SER B 165 -10.22 -19.45 38.09
CA SER B 165 -11.34 -20.37 38.01
C SER B 165 -11.71 -20.82 39.41
N TRP B 166 -12.93 -21.33 39.57
CA TRP B 166 -13.38 -21.81 40.86
C TRP B 166 -13.64 -23.30 40.83
N ASN B 167 -12.93 -24.03 41.70
CA ASN B 167 -13.08 -25.47 41.81
C ASN B 167 -12.76 -26.15 40.49
N SER B 168 -11.61 -25.79 39.92
CA SER B 168 -11.14 -26.33 38.64
C SER B 168 -12.13 -26.16 37.48
N GLY B 169 -12.96 -25.13 37.56
CA GLY B 169 -13.86 -24.80 36.47
C GLY B 169 -15.25 -25.39 36.60
N ALA B 170 -15.43 -26.26 37.59
CA ALA B 170 -16.75 -26.88 37.81
C ALA B 170 -17.74 -25.80 38.25
N LEU B 171 -17.27 -24.86 39.06
CA LEU B 171 -18.11 -23.77 39.56
C LEU B 171 -17.98 -22.57 38.63
N THR B 172 -19.07 -22.21 37.96
CA THR B 172 -19.03 -21.08 37.03
C THR B 172 -20.17 -20.12 37.31
N SER B 173 -21.32 -20.68 37.66
CA SER B 173 -22.52 -19.88 37.87
C SER B 173 -22.34 -18.98 39.09
N GLY B 174 -22.60 -17.68 38.90
CA GLY B 174 -22.56 -16.73 40.00
C GLY B 174 -21.18 -16.19 40.31
N VAL B 175 -20.22 -16.52 39.46
CA VAL B 175 -18.85 -16.07 39.65
C VAL B 175 -18.62 -14.71 39.00
N HIS B 176 -18.04 -13.79 39.76
CA HIS B 176 -17.63 -12.50 39.22
C HIS B 176 -16.16 -12.25 39.48
N THR B 177 -15.40 -12.12 38.39
CA THR B 177 -14.00 -11.74 38.47
C THR B 177 -13.83 -10.32 37.97
N PHE B 178 -13.47 -9.42 38.88
CA PHE B 178 -13.43 -8.00 38.54
C PHE B 178 -12.24 -7.66 37.66
N PRO B 179 -12.36 -6.59 36.85
CA PRO B 179 -11.26 -6.01 36.09
C PRO B 179 -10.14 -5.64 37.04
N ALA B 180 -8.91 -5.87 36.63
CA ALA B 180 -7.78 -5.58 37.49
C ALA B 180 -7.65 -4.08 37.71
N VAL B 181 -7.06 -3.71 38.83
CA VAL B 181 -6.78 -2.31 39.10
C VAL B 181 -5.27 -2.12 39.19
N LEU B 182 -4.77 -1.04 38.60
CA LEU B 182 -3.35 -0.76 38.66
C LEU B 182 -3.05 0.08 39.87
N GLN B 183 -2.33 -0.51 40.83
CA GLN B 183 -1.98 0.15 42.07
C GLN B 183 -0.87 1.18 41.87
N SER B 184 -0.69 2.06 42.85
CA SER B 184 0.37 3.07 42.78
C SER B 184 1.75 2.42 42.65
N SER B 185 1.87 1.22 43.19
CA SER B 185 3.11 0.46 43.16
C SER B 185 3.49 0.02 41.75
N GLY B 186 2.55 0.07 40.83
CA GLY B 186 2.78 -0.39 39.47
C GLY B 186 2.41 -1.85 39.35
N LEU B 187 1.73 -2.37 40.36
CA LEU B 187 1.29 -3.75 40.36
C LEU B 187 -0.23 -3.84 40.29
N TYR B 188 -0.72 -4.90 39.66
CA TYR B 188 -2.15 -5.10 39.49
C TYR B 188 -2.78 -5.87 40.65
N SER B 189 -4.05 -5.60 40.92
CA SER B 189 -4.80 -6.34 41.92
C SER B 189 -6.24 -6.48 41.49
N LEU B 190 -6.80 -7.67 41.70
CA LEU B 190 -8.20 -7.94 41.39
C LEU B 190 -8.80 -8.84 42.45
N SER B 191 -10.12 -8.81 42.54
CA SER B 191 -10.84 -9.70 43.45
C SER B 191 -11.77 -10.56 42.63
N SER B 192 -11.87 -11.84 42.99
CA SER B 192 -12.82 -12.75 42.35
C SER B 192 -13.80 -13.27 43.39
N VAL B 193 -15.10 -13.11 43.14
CA VAL B 193 -16.10 -13.51 44.11
C VAL B 193 -17.09 -14.49 43.50
N VAL B 194 -17.77 -15.25 44.36
CA VAL B 194 -18.83 -16.13 43.93
C VAL B 194 -19.95 -16.21 44.98
N THR B 195 -21.19 -16.14 44.55
CA THR B 195 -22.31 -16.28 45.45
C THR B 195 -22.84 -17.70 45.39
N VAL B 196 -22.87 -18.36 46.54
CA VAL B 196 -23.31 -19.74 46.64
C VAL B 196 -24.39 -19.82 47.71
N PRO B 197 -25.18 -20.91 47.72
CA PRO B 197 -26.14 -21.10 48.82
C PRO B 197 -25.42 -21.17 50.16
N SER B 198 -26.02 -20.57 51.20
CA SER B 198 -25.36 -20.49 52.50
C SER B 198 -25.19 -21.88 53.09
N SER B 199 -26.14 -22.75 52.78
CA SER B 199 -26.11 -24.14 53.22
C SER B 199 -24.85 -24.84 52.74
N SER B 200 -24.41 -24.49 51.54
CA SER B 200 -23.27 -25.16 50.92
C SER B 200 -21.98 -24.97 51.70
N LEU B 201 -21.95 -23.97 52.57
CA LEU B 201 -20.77 -23.68 53.37
C LEU B 201 -20.56 -24.77 54.42
N GLY B 202 -20.16 -25.95 53.96
CA GLY B 202 -19.99 -27.09 54.84
C GLY B 202 -20.34 -28.36 54.10
N THR B 203 -21.17 -28.23 53.07
CA THR B 203 -21.54 -29.37 52.26
C THR B 203 -20.71 -29.36 50.97
N GLN B 204 -19.90 -28.32 50.81
CA GLN B 204 -19.06 -28.14 49.63
C GLN B 204 -17.70 -27.54 50.01
N THR B 205 -16.67 -27.83 49.23
CA THR B 205 -15.39 -27.16 49.39
C THR B 205 -15.24 -26.12 48.28
N TYR B 206 -14.76 -24.93 48.63
CA TYR B 206 -14.52 -23.88 47.65
C TYR B 206 -13.06 -23.47 47.57
N ILE B 207 -12.50 -23.59 46.37
CA ILE B 207 -11.10 -23.32 46.12
C ILE B 207 -10.96 -22.47 44.86
N CYS B 208 -10.29 -21.34 44.96
CA CYS B 208 -10.07 -20.50 43.80
C CYS B 208 -8.75 -20.92 43.18
N ASN B 209 -8.75 -21.05 41.86
CA ASN B 209 -7.54 -21.44 41.14
C ASN B 209 -7.02 -20.22 40.42
N VAL B 210 -5.82 -19.78 40.77
CA VAL B 210 -5.28 -18.56 40.19
C VAL B 210 -4.09 -18.87 39.30
N ASN B 211 -4.13 -18.38 38.06
CA ASN B 211 -3.04 -18.64 37.14
C ASN B 211 -2.46 -17.35 36.60
N HIS B 212 -1.15 -17.20 36.76
CA HIS B 212 -0.42 -16.07 36.20
C HIS B 212 0.70 -16.62 35.36
N LYS B 213 0.47 -16.67 34.05
CA LYS B 213 1.41 -17.26 33.11
C LYS B 213 2.80 -16.60 33.04
N PRO B 214 2.85 -15.25 33.03
CA PRO B 214 4.18 -14.61 32.91
C PRO B 214 5.19 -14.93 34.01
N SER B 215 4.76 -15.54 35.10
CA SER B 215 5.67 -15.86 36.20
C SER B 215 5.64 -17.35 36.48
N ASN B 216 4.92 -18.10 35.64
CA ASN B 216 4.69 -19.52 35.86
C ASN B 216 4.17 -19.80 37.26
N THR B 217 3.16 -19.05 37.65
CA THR B 217 2.58 -19.16 38.98
C THR B 217 1.22 -19.81 38.87
N LYS B 218 0.99 -20.86 39.64
CA LYS B 218 -0.30 -21.51 39.65
C LYS B 218 -0.61 -21.92 41.08
N VAL B 219 -1.28 -21.04 41.82
CA VAL B 219 -1.57 -21.26 43.22
C VAL B 219 -3.06 -21.39 43.49
N ASP B 220 -3.42 -22.18 44.49
CA ASP B 220 -4.81 -22.29 44.90
C ASP B 220 -4.98 -21.73 46.31
N LYS B 221 -6.22 -21.40 46.67
CA LYS B 221 -6.50 -20.98 48.03
C LYS B 221 -7.85 -21.53 48.43
N ARG B 222 -7.89 -22.20 49.56
CA ARG B 222 -9.15 -22.68 50.10
C ARG B 222 -9.86 -21.54 50.79
N VAL B 223 -11.18 -21.48 50.64
CA VAL B 223 -11.96 -20.45 51.29
C VAL B 223 -13.00 -21.08 52.21
N GLU B 224 -12.80 -20.89 53.52
CA GLU B 224 -13.64 -21.47 54.56
C GLU B 224 -14.29 -20.35 55.38
N PRO B 225 -15.43 -20.66 56.02
CA PRO B 225 -16.09 -19.74 56.97
C PRO B 225 -15.19 -19.35 58.15
N GLN C 12 -27.83 -16.03 -41.12
CA GLN C 12 -28.55 -14.89 -40.56
C GLN C 12 -28.26 -14.76 -39.08
N LEU C 13 -27.68 -13.62 -38.67
CA LEU C 13 -27.24 -13.46 -37.30
C LEU C 13 -28.15 -12.51 -36.50
N GLY C 14 -29.14 -11.93 -37.15
CA GLY C 14 -30.04 -10.99 -36.50
C GLY C 14 -29.31 -9.82 -35.88
N ASN C 15 -29.42 -9.69 -34.57
CA ASN C 15 -28.76 -8.60 -33.84
C ASN C 15 -27.36 -9.00 -33.34
N CYS C 16 -26.96 -10.23 -33.64
CA CYS C 16 -25.68 -10.75 -33.16
C CYS C 16 -24.57 -10.63 -34.20
N SER C 17 -23.33 -10.57 -33.72
CA SER C 17 -22.16 -10.56 -34.60
C SER C 17 -21.64 -11.98 -34.76
N VAL C 18 -20.62 -12.16 -35.60
CA VAL C 18 -19.96 -13.45 -35.74
C VAL C 18 -19.34 -13.85 -34.42
N ALA C 19 -18.73 -12.88 -33.74
CA ALA C 19 -18.16 -13.08 -32.42
C ALA C 19 -19.21 -13.61 -31.44
N GLY C 20 -20.34 -12.92 -31.37
CA GLY C 20 -21.42 -13.32 -30.49
C GLY C 20 -21.98 -14.69 -30.80
N TRP C 21 -22.18 -14.96 -32.09
CA TRP C 21 -22.77 -16.23 -32.52
C TRP C 21 -21.84 -17.41 -32.27
N ILE C 22 -20.54 -17.22 -32.53
CA ILE C 22 -19.61 -18.34 -32.45
C ILE C 22 -19.06 -18.55 -31.03
N LEU C 23 -19.07 -17.50 -30.22
CA LEU C 23 -18.65 -17.62 -28.82
C LEU C 23 -19.74 -18.20 -27.93
N GLY C 24 -20.98 -17.79 -28.18
CA GLY C 24 -22.11 -18.31 -27.43
C GLY C 24 -22.75 -17.29 -26.51
N ASN C 25 -22.88 -16.06 -27.02
CA ASN C 25 -23.62 -15.03 -26.32
C ASN C 25 -25.06 -15.49 -26.11
N PRO C 26 -25.54 -15.43 -24.85
CA PRO C 26 -26.88 -15.91 -24.51
C PRO C 26 -27.98 -15.18 -25.27
N GLU C 27 -27.66 -13.98 -25.69
CA GLU C 27 -28.64 -13.22 -26.40
C GLU C 27 -28.59 -13.61 -27.84
N CYS C 28 -27.63 -14.49 -28.15
CA CYS C 28 -27.39 -15.03 -29.48
C CYS C 28 -27.97 -16.43 -29.52
N GLU C 29 -29.21 -16.50 -29.97
CA GLU C 29 -30.03 -17.66 -29.92
C GLU C 29 -30.19 -18.17 -31.32
N LEU C 30 -29.09 -18.13 -32.06
CA LEU C 30 -29.02 -18.74 -33.34
C LEU C 30 -28.49 -20.13 -33.06
N LEU C 31 -29.39 -21.07 -32.83
CA LEU C 31 -28.93 -22.41 -32.46
C LEU C 31 -29.33 -23.54 -33.36
N ILE C 32 -30.29 -23.31 -34.25
CA ILE C 32 -30.56 -24.33 -35.24
C ILE C 32 -29.31 -24.55 -36.08
N SER C 33 -28.30 -23.69 -35.89
CA SER C 33 -27.07 -23.78 -36.64
C SER C 33 -27.37 -23.98 -38.13
N ARG C 34 -26.77 -25.01 -38.72
CA ARG C 34 -26.95 -25.36 -40.14
C ARG C 34 -25.62 -25.93 -40.63
N GLU C 35 -25.52 -26.35 -41.87
CA GLU C 35 -24.20 -26.43 -42.52
C GLU C 35 -24.12 -25.47 -43.70
N SER C 36 -25.20 -24.74 -43.93
CA SER C 36 -25.29 -23.97 -45.13
C SER C 36 -25.70 -22.51 -45.09
N TRP C 37 -24.84 -21.72 -45.72
CA TRP C 37 -25.04 -20.40 -46.30
C TRP C 37 -23.70 -20.47 -46.98
N SER C 38 -23.30 -19.47 -47.76
CA SER C 38 -21.88 -19.24 -47.95
C SER C 38 -21.50 -18.03 -47.11
N TYR C 39 -22.33 -17.00 -47.29
CA TYR C 39 -22.33 -15.78 -46.51
C TYR C 39 -23.12 -15.98 -45.23
N ILE C 40 -22.73 -15.23 -44.22
CA ILE C 40 -23.41 -15.15 -42.95
C ILE C 40 -24.37 -14.04 -43.12
N VAL C 41 -24.78 -13.42 -42.03
CA VAL C 41 -25.36 -12.12 -42.14
C VAL C 41 -25.01 -11.29 -40.93
N GLU C 42 -24.83 -9.99 -41.09
CA GLU C 42 -24.61 -9.14 -39.95
C GLU C 42 -25.33 -7.85 -40.18
N LYS C 43 -25.59 -7.15 -39.11
CA LYS C 43 -25.95 -5.73 -39.12
C LYS C 43 -24.67 -4.92 -39.25
N PRO C 44 -24.77 -3.69 -39.76
CA PRO C 44 -23.60 -2.80 -39.83
C PRO C 44 -22.94 -2.62 -38.47
N ASN C 45 -23.76 -2.49 -37.43
CA ASN C 45 -23.26 -2.34 -36.06
C ASN C 45 -24.01 -3.23 -35.07
N PRO C 46 -23.69 -4.54 -35.09
CA PRO C 46 -24.34 -5.56 -34.27
C PRO C 46 -24.24 -5.28 -32.76
N GLU C 47 -25.32 -5.49 -32.03
CA GLU C 47 -25.38 -5.14 -30.61
C GLU C 47 -24.87 -6.26 -29.72
N ASN C 48 -24.98 -7.50 -30.19
CA ASN C 48 -24.60 -8.64 -29.37
C ASN C 48 -23.41 -9.44 -29.89
N GLY C 49 -22.23 -9.11 -29.37
CA GLY C 49 -21.02 -9.81 -29.76
C GLY C 49 -20.27 -10.32 -28.54
N THR C 50 -19.15 -9.70 -28.22
CA THR C 50 -18.43 -10.04 -27.00
C THR C 50 -19.03 -9.29 -25.82
N CYS C 51 -19.96 -9.95 -25.12
CA CYS C 51 -20.68 -9.35 -24.01
C CYS C 51 -19.74 -9.00 -22.85
N TYR C 52 -18.70 -9.80 -22.65
CA TYR C 52 -17.67 -9.50 -21.67
C TYR C 52 -16.50 -8.90 -22.43
N PRO C 53 -16.14 -7.65 -22.10
CA PRO C 53 -15.16 -6.88 -22.89
C PRO C 53 -13.77 -7.50 -22.95
N GLY C 54 -13.12 -7.35 -24.10
CA GLY C 54 -11.82 -7.94 -24.34
C GLY C 54 -11.47 -7.92 -25.82
N HIS C 55 -10.38 -8.59 -26.20
CA HIS C 55 -9.95 -8.57 -27.59
C HIS C 55 -10.03 -9.93 -28.27
N PHE C 56 -10.80 -10.00 -29.37
CA PHE C 56 -10.87 -11.21 -30.17
C PHE C 56 -9.72 -11.19 -31.18
N ALA C 57 -8.80 -12.13 -31.02
CA ALA C 57 -7.63 -12.22 -31.88
C ALA C 57 -8.02 -12.77 -33.25
N ASP C 58 -7.59 -12.08 -34.31
CA ASP C 58 -7.85 -12.50 -35.69
C ASP C 58 -9.34 -12.63 -36.00
N TYR C 59 -10.11 -11.59 -35.70
CA TYR C 59 -11.55 -11.59 -35.94
C TYR C 59 -11.85 -11.67 -37.43
N GLU C 60 -11.33 -10.72 -38.21
CA GLU C 60 -11.59 -10.66 -39.64
C GLU C 60 -11.19 -11.96 -40.33
N GLU C 61 -10.01 -12.45 -39.99
CA GLU C 61 -9.53 -13.72 -40.52
C GLU C 61 -10.52 -14.86 -40.22
N LEU C 62 -11.17 -14.81 -39.07
CA LEU C 62 -12.15 -15.84 -38.73
C LEU C 62 -13.42 -15.66 -39.56
N ARG C 63 -13.89 -14.41 -39.66
CA ARG C 63 -15.07 -14.10 -40.45
C ARG C 63 -14.95 -14.57 -41.90
N GLU C 64 -13.75 -14.39 -42.46
CA GLU C 64 -13.48 -14.78 -43.84
C GLU C 64 -13.40 -16.30 -43.96
N GLN C 65 -12.78 -16.96 -42.99
CA GLN C 65 -12.64 -18.41 -43.01
C GLN C 65 -13.94 -19.10 -42.60
N LEU C 66 -14.84 -18.31 -42.05
CA LEU C 66 -16.14 -18.78 -41.61
C LEU C 66 -17.18 -18.50 -42.66
N SER C 67 -16.79 -17.79 -43.70
CA SER C 67 -17.63 -17.60 -44.84
C SER C 67 -17.38 -18.84 -45.66
N SER C 68 -18.43 -19.47 -46.14
CA SER C 68 -18.29 -20.71 -46.88
C SER C 68 -17.98 -21.89 -45.98
N VAL C 69 -19.03 -22.46 -45.45
CA VAL C 69 -19.07 -23.71 -44.71
C VAL C 69 -19.98 -24.74 -45.41
N SER C 70 -19.39 -25.89 -45.75
CA SER C 70 -20.07 -26.94 -46.48
C SER C 70 -20.78 -27.94 -45.55
N SER C 71 -20.22 -28.11 -44.36
CA SER C 71 -20.74 -29.04 -43.37
C SER C 71 -20.36 -28.49 -42.00
N PHE C 72 -21.36 -28.40 -41.11
CA PHE C 72 -21.15 -27.82 -39.80
C PHE C 72 -21.84 -28.56 -38.66
N GLU C 73 -21.24 -28.51 -37.47
CA GLU C 73 -21.89 -29.03 -36.27
C GLU C 73 -21.18 -28.51 -35.02
N ARG C 74 -21.96 -28.24 -33.99
CA ARG C 74 -21.45 -27.81 -32.69
C ARG C 74 -21.40 -28.98 -31.73
N PHE C 75 -20.19 -29.35 -31.28
CA PHE C 75 -20.06 -30.48 -30.36
C PHE C 75 -19.31 -30.04 -29.10
N GLU C 76 -19.51 -30.76 -28.01
CA GLU C 76 -18.92 -30.41 -26.73
C GLU C 76 -17.51 -30.98 -26.63
N ILE C 77 -16.50 -30.15 -26.88
CA ILE C 77 -15.10 -30.61 -26.82
C ILE C 77 -14.68 -30.95 -25.39
N PHE C 78 -15.04 -30.09 -24.43
CA PHE C 78 -14.77 -30.38 -23.04
C PHE C 78 -16.09 -30.20 -22.29
N PRO C 79 -16.76 -31.32 -21.98
CA PRO C 79 -18.01 -31.32 -21.26
C PRO C 79 -17.86 -30.90 -19.79
N LYS C 80 -18.79 -30.05 -19.35
CA LYS C 80 -18.71 -29.40 -18.04
C LYS C 80 -18.60 -30.40 -16.88
N GLU C 81 -19.39 -31.46 -16.94
CA GLU C 81 -19.52 -32.39 -15.82
C GLU C 81 -18.34 -33.35 -15.69
N SER C 82 -17.73 -33.75 -16.80
CA SER C 82 -16.68 -34.76 -16.75
C SER C 82 -15.27 -34.22 -16.90
N SER C 83 -15.12 -33.13 -17.66
CA SER C 83 -13.80 -32.59 -17.94
C SER C 83 -13.16 -31.87 -16.76
N TRP C 84 -13.94 -31.17 -15.94
CA TRP C 84 -13.32 -30.33 -14.92
C TRP C 84 -13.78 -30.72 -13.51
N PRO C 85 -13.18 -31.79 -12.96
CA PRO C 85 -13.56 -32.27 -11.63
C PRO C 85 -12.95 -31.45 -10.50
N ASN C 86 -11.74 -30.94 -10.70
CA ASN C 86 -11.00 -30.27 -9.64
C ASN C 86 -11.18 -28.76 -9.62
N HIS C 87 -12.14 -28.26 -10.39
CA HIS C 87 -12.30 -26.81 -10.55
C HIS C 87 -13.77 -26.42 -10.51
N THR C 88 -14.03 -25.13 -10.29
CA THR C 88 -15.41 -24.64 -10.23
C THR C 88 -15.80 -24.06 -11.59
N THR C 89 -16.91 -24.55 -12.14
CA THR C 89 -17.32 -24.18 -13.48
C THR C 89 -18.52 -23.22 -13.59
N THR C 90 -18.90 -22.58 -12.49
CA THR C 90 -20.17 -21.85 -12.47
C THR C 90 -20.07 -20.37 -12.86
N GLY C 91 -18.85 -19.91 -13.12
CA GLY C 91 -18.61 -18.50 -13.42
C GLY C 91 -19.53 -17.83 -14.44
N VAL C 92 -20.15 -16.72 -14.04
CA VAL C 92 -21.09 -15.97 -14.89
C VAL C 92 -20.90 -14.49 -14.65
N SER C 93 -21.47 -13.67 -15.54
CA SER C 93 -21.35 -12.22 -15.40
C SER C 93 -22.64 -11.48 -15.74
N ALA C 94 -22.81 -10.30 -15.15
CA ALA C 94 -24.00 -9.48 -15.39
C ALA C 94 -23.80 -8.64 -16.64
N SER C 95 -22.73 -8.95 -17.36
CA SER C 95 -22.45 -8.30 -18.63
C SER C 95 -22.98 -9.17 -19.76
N CYS C 96 -22.91 -10.48 -19.53
CA CYS C 96 -23.52 -11.46 -20.44
C CYS C 96 -24.84 -11.93 -19.84
N SER C 97 -25.77 -11.01 -19.67
CA SER C 97 -27.02 -11.31 -18.98
C SER C 97 -28.12 -11.83 -19.90
N HIS C 98 -28.82 -12.86 -19.45
CA HIS C 98 -29.93 -13.42 -20.22
C HIS C 98 -31.21 -13.42 -19.39
N ASN C 99 -32.13 -12.52 -19.75
CA ASN C 99 -33.40 -12.35 -19.04
C ASN C 99 -33.22 -11.93 -17.59
N GLY C 100 -32.70 -10.72 -17.40
CA GLY C 100 -32.45 -10.17 -16.08
C GLY C 100 -31.73 -11.13 -15.15
N GLU C 101 -30.80 -11.89 -15.70
CA GLU C 101 -30.11 -12.91 -14.93
C GLU C 101 -28.71 -13.18 -15.49
N SER C 102 -27.70 -12.83 -14.70
CA SER C 102 -26.29 -13.03 -15.06
C SER C 102 -26.02 -14.41 -15.66
N SER C 103 -25.38 -14.43 -16.83
CA SER C 103 -25.00 -15.67 -17.48
C SER C 103 -23.62 -15.52 -18.12
N PHE C 104 -23.33 -16.35 -19.11
CA PHE C 104 -22.01 -16.38 -19.75
C PHE C 104 -22.08 -16.99 -21.15
N TYR C 105 -20.94 -16.98 -21.84
CA TYR C 105 -20.83 -17.60 -23.15
C TYR C 105 -21.19 -19.08 -23.10
N LYS C 106 -21.98 -19.51 -24.08
CA LYS C 106 -22.48 -20.89 -24.10
C LYS C 106 -21.41 -21.91 -24.49
N ASN C 107 -20.41 -21.47 -25.23
CA ASN C 107 -19.38 -22.39 -25.72
C ASN C 107 -18.07 -22.30 -24.95
N LEU C 108 -18.04 -21.49 -23.89
CA LEU C 108 -16.86 -21.38 -23.04
C LEU C 108 -17.22 -21.68 -21.58
N LEU C 109 -16.19 -21.87 -20.75
CA LEU C 109 -16.38 -22.18 -19.34
C LEU C 109 -15.42 -21.37 -18.47
N TRP C 110 -15.95 -20.64 -17.50
CA TRP C 110 -15.13 -19.83 -16.60
C TRP C 110 -14.66 -20.66 -15.41
N LEU C 111 -13.49 -21.27 -15.54
CA LEU C 111 -12.95 -22.08 -14.45
C LEU C 111 -12.41 -21.16 -13.34
N THR C 112 -12.74 -21.49 -12.09
CA THR C 112 -12.19 -20.78 -10.94
C THR C 112 -11.79 -21.80 -9.90
N GLY C 113 -11.56 -21.36 -8.67
CA GLY C 113 -11.12 -22.26 -7.62
C GLY C 113 -12.23 -23.11 -7.02
N LYS C 114 -11.88 -24.33 -6.61
CA LYS C 114 -12.78 -25.18 -5.84
C LYS C 114 -12.09 -25.61 -4.56
N ASN C 115 -12.76 -25.43 -3.42
CA ASN C 115 -12.21 -25.79 -2.11
C ASN C 115 -10.93 -25.02 -1.76
N GLY C 116 -10.82 -23.80 -2.27
CA GLY C 116 -9.69 -22.96 -1.96
C GLY C 116 -8.42 -23.32 -2.71
N LEU C 117 -8.57 -24.04 -3.80
CA LEU C 117 -7.41 -24.38 -4.61
C LEU C 117 -7.68 -24.19 -6.09
N TYR C 118 -6.61 -23.94 -6.85
CA TYR C 118 -6.66 -24.11 -8.29
C TYR C 118 -5.49 -25.02 -8.61
N PRO C 119 -5.80 -26.26 -8.97
CA PRO C 119 -4.72 -27.21 -9.25
C PRO C 119 -4.27 -27.05 -10.69
N ASN C 120 -3.00 -27.34 -10.98
CA ASN C 120 -2.52 -27.26 -12.34
C ASN C 120 -3.29 -28.24 -13.21
N LEU C 121 -3.93 -27.72 -14.26
CA LEU C 121 -4.75 -28.57 -15.13
C LEU C 121 -4.04 -28.91 -16.43
N SER C 122 -4.49 -29.97 -17.09
CA SER C 122 -3.93 -30.39 -18.36
C SER C 122 -4.97 -31.15 -19.16
N LYS C 123 -5.51 -30.53 -20.18
CA LYS C 123 -6.61 -31.12 -20.93
C LYS C 123 -6.19 -31.20 -22.38
N SER C 124 -6.70 -32.20 -23.09
CA SER C 124 -6.27 -32.43 -24.46
C SER C 124 -7.41 -32.99 -25.28
N TYR C 125 -7.53 -32.53 -26.51
CA TYR C 125 -8.49 -33.09 -27.46
C TYR C 125 -7.83 -33.53 -28.74
N ALA C 126 -7.96 -34.82 -29.04
CA ALA C 126 -7.49 -35.34 -30.30
C ALA C 126 -8.59 -35.24 -31.35
N ASN C 127 -8.28 -34.63 -32.49
CA ASN C 127 -9.26 -34.52 -33.56
C ASN C 127 -9.41 -35.87 -34.24
N ASN C 128 -10.63 -36.40 -34.23
CA ASN C 128 -10.91 -37.68 -34.86
C ASN C 128 -12.17 -37.56 -35.72
N LYS C 129 -12.41 -36.36 -36.23
CA LYS C 129 -13.61 -36.05 -36.99
C LYS C 129 -13.41 -36.00 -38.50
N GLU C 130 -12.26 -36.47 -38.98
CA GLU C 130 -11.94 -36.42 -40.42
C GLU C 130 -11.80 -34.99 -40.96
N LYS C 131 -12.55 -34.06 -40.37
CA LYS C 131 -12.51 -32.66 -40.79
C LYS C 131 -11.87 -31.80 -39.71
N GLU C 132 -11.55 -30.55 -40.05
CA GLU C 132 -10.91 -29.65 -39.11
C GLU C 132 -11.92 -29.01 -38.15
N VAL C 133 -11.56 -28.97 -36.87
CA VAL C 133 -12.45 -28.42 -35.85
C VAL C 133 -11.98 -27.07 -35.36
N LEU C 134 -12.91 -26.12 -35.31
CA LEU C 134 -12.61 -24.76 -34.84
C LEU C 134 -12.68 -24.69 -33.32
N VAL C 135 -11.55 -24.37 -32.70
CA VAL C 135 -11.46 -24.30 -31.25
C VAL C 135 -11.24 -22.87 -30.77
N LEU C 136 -12.09 -22.42 -29.86
CA LEU C 136 -11.95 -21.09 -29.28
C LEU C 136 -11.71 -21.18 -27.77
N TRP C 137 -11.04 -20.18 -27.21
CA TRP C 137 -10.93 -20.05 -25.78
C TRP C 137 -10.73 -18.61 -25.37
N GLY C 138 -10.35 -18.39 -24.11
CA GLY C 138 -10.12 -17.05 -23.60
C GLY C 138 -9.07 -17.02 -22.51
N VAL C 139 -8.61 -15.83 -22.19
CA VAL C 139 -7.73 -15.62 -21.05
C VAL C 139 -8.26 -14.42 -20.28
N HIS C 140 -8.42 -14.57 -18.97
CA HIS C 140 -8.95 -13.50 -18.14
C HIS C 140 -7.83 -12.60 -17.63
N HIS C 141 -8.01 -11.30 -17.77
CA HIS C 141 -7.08 -10.33 -17.24
C HIS C 141 -7.79 -9.49 -16.19
N PRO C 142 -7.63 -9.89 -14.91
CA PRO C 142 -8.29 -9.22 -13.78
C PRO C 142 -7.80 -7.80 -13.61
N PRO C 143 -8.66 -6.91 -13.06
CA PRO C 143 -8.31 -5.50 -12.87
C PRO C 143 -7.42 -5.27 -11.66
N ASN C 144 -7.49 -6.19 -10.70
CA ASN C 144 -6.64 -6.11 -9.51
C ASN C 144 -6.15 -7.48 -9.04
N ILE C 145 -5.05 -7.48 -8.30
CA ILE C 145 -4.44 -8.71 -7.82
C ILE C 145 -5.36 -9.46 -6.84
N GLY C 146 -6.25 -8.73 -6.19
CA GLY C 146 -7.24 -9.33 -5.31
C GLY C 146 -8.18 -10.28 -6.03
N ASP C 147 -8.67 -9.86 -7.18
CA ASP C 147 -9.55 -10.71 -7.97
C ASP C 147 -8.75 -11.89 -8.52
N GLN C 148 -7.48 -11.63 -8.83
CA GLN C 148 -6.61 -12.67 -9.36
C GLN C 148 -6.42 -13.74 -8.31
N ARG C 149 -6.20 -13.30 -7.08
CA ARG C 149 -5.99 -14.22 -5.97
C ARG C 149 -7.28 -14.96 -5.61
N ALA C 150 -8.40 -14.23 -5.65
CA ALA C 150 -9.69 -14.78 -5.26
C ALA C 150 -10.17 -15.87 -6.19
N LEU C 151 -9.83 -15.70 -7.46
CA LEU C 151 -10.33 -16.58 -8.52
C LEU C 151 -9.45 -17.79 -8.78
N TYR C 152 -8.14 -17.60 -8.76
CA TYR C 152 -7.23 -18.65 -9.24
C TYR C 152 -6.15 -19.04 -8.22
N HIS C 153 -6.20 -18.41 -7.06
CA HIS C 153 -5.34 -18.77 -5.92
C HIS C 153 -3.85 -18.81 -6.24
N THR C 154 -3.43 -17.99 -7.18
CA THR C 154 -2.00 -17.76 -7.42
C THR C 154 -1.82 -16.36 -7.96
N GLU C 155 -0.62 -15.81 -7.82
CA GLU C 155 -0.27 -14.50 -8.36
C GLU C 155 0.38 -14.64 -9.72
N ASN C 156 0.90 -15.82 -10.00
CA ASN C 156 1.69 -16.04 -11.21
C ASN C 156 1.09 -17.13 -12.08
N ALA C 157 0.20 -16.74 -12.99
CA ALA C 157 -0.54 -17.69 -13.81
C ALA C 157 0.05 -17.91 -15.20
N TYR C 158 -0.12 -19.12 -15.71
CA TYR C 158 0.27 -19.47 -17.07
C TYR C 158 -0.87 -20.15 -17.78
N VAL C 159 -1.03 -19.86 -19.07
CA VAL C 159 -1.99 -20.59 -19.89
C VAL C 159 -1.24 -21.05 -21.13
N SER C 160 -1.26 -22.35 -21.40
CA SER C 160 -0.43 -22.92 -22.47
C SER C 160 -1.27 -23.72 -23.45
N VAL C 161 -1.56 -23.13 -24.61
CA VAL C 161 -2.33 -23.81 -25.64
C VAL C 161 -1.38 -24.28 -26.76
N VAL C 162 -1.24 -25.59 -26.93
CA VAL C 162 -0.25 -26.14 -27.85
C VAL C 162 -0.83 -27.17 -28.81
N SER C 163 -0.62 -26.95 -30.11
CA SER C 163 -0.94 -27.97 -31.12
C SER C 163 0.29 -28.21 -31.99
N SER C 164 0.08 -28.56 -33.25
CA SER C 164 1.20 -28.81 -34.15
C SER C 164 1.37 -27.66 -35.14
N HIS C 165 0.44 -26.71 -35.10
CA HIS C 165 0.48 -25.52 -35.95
C HIS C 165 0.27 -24.27 -35.11
N TYR C 166 -0.01 -24.48 -33.82
CA TYR C 166 -0.23 -23.36 -32.91
C TYR C 166 0.49 -23.66 -31.61
N SER C 167 1.12 -22.64 -31.04
CA SER C 167 1.79 -22.78 -29.74
C SER C 167 1.85 -21.44 -29.04
N ARG C 168 1.00 -21.23 -28.04
CA ARG C 168 1.07 -20.01 -27.25
C ARG C 168 1.44 -20.30 -25.79
N LYS C 169 2.26 -19.42 -25.22
CA LYS C 169 2.58 -19.44 -23.80
C LYS C 169 2.15 -18.11 -23.20
N PHE C 170 0.95 -18.07 -22.65
CA PHE C 170 0.41 -16.82 -22.12
C PHE C 170 0.89 -16.56 -20.69
N THR C 171 1.14 -15.29 -20.39
CA THR C 171 1.43 -14.87 -19.02
C THR C 171 0.52 -13.70 -18.74
N PRO C 172 -0.72 -13.99 -18.30
CA PRO C 172 -1.76 -12.97 -18.08
C PRO C 172 -1.36 -11.96 -17.02
N GLU C 173 -1.61 -10.68 -17.29
CA GLU C 173 -1.22 -9.64 -16.34
C GLU C 173 -2.39 -8.85 -15.77
N ILE C 174 -2.21 -8.37 -14.55
CA ILE C 174 -3.19 -7.53 -13.89
C ILE C 174 -3.18 -6.14 -14.49
N ALA C 175 -4.36 -5.64 -14.84
CA ALA C 175 -4.49 -4.29 -15.36
C ALA C 175 -5.91 -3.77 -15.18
N LYS C 176 -6.02 -2.60 -14.55
CA LYS C 176 -7.31 -1.95 -14.39
C LYS C 176 -7.58 -1.08 -15.59
N ARG C 177 -8.53 -1.48 -16.43
CA ARG C 177 -8.78 -0.76 -17.66
C ARG C 177 -10.09 0.02 -17.51
N PRO C 178 -10.32 1.02 -18.38
CA PRO C 178 -11.57 1.79 -18.32
C PRO C 178 -12.81 0.90 -18.32
N LYS C 179 -13.82 1.33 -17.57
CA LYS C 179 -15.04 0.54 -17.38
C LYS C 179 -15.84 0.40 -18.68
N VAL C 180 -15.91 -0.82 -19.19
CA VAL C 180 -16.70 -1.12 -20.38
C VAL C 180 -17.67 -2.25 -20.06
N ARG C 181 -18.96 -1.96 -20.22
CA ARG C 181 -20.03 -2.89 -19.84
C ARG C 181 -19.91 -3.24 -18.35
N ASP C 182 -19.59 -2.21 -17.57
CA ASP C 182 -19.53 -2.28 -16.11
C ASP C 182 -18.32 -3.08 -15.59
N GLN C 183 -17.34 -3.33 -16.47
CA GLN C 183 -16.20 -4.18 -16.11
C GLN C 183 -14.87 -3.48 -16.37
N GLU C 184 -13.92 -3.65 -15.46
CA GLU C 184 -12.58 -3.10 -15.64
C GLU C 184 -11.62 -4.20 -16.07
N GLY C 185 -12.06 -5.44 -15.90
CA GLY C 185 -11.26 -6.59 -16.29
C GLY C 185 -11.55 -6.97 -17.73
N ARG C 186 -10.72 -7.83 -18.30
CA ARG C 186 -10.87 -8.22 -19.69
C ARG C 186 -10.69 -9.71 -19.87
N ILE C 187 -11.43 -10.28 -20.83
CA ILE C 187 -11.15 -11.63 -21.31
C ILE C 187 -10.78 -11.55 -22.77
N ASN C 188 -9.54 -11.94 -23.08
CA ASN C 188 -9.09 -11.91 -24.47
C ASN C 188 -9.44 -13.21 -25.16
N TYR C 189 -9.93 -13.11 -26.39
CA TYR C 189 -10.48 -14.27 -27.07
C TYR C 189 -9.52 -14.75 -28.15
N TYR C 190 -9.27 -16.06 -28.17
CA TYR C 190 -8.31 -16.63 -29.11
C TYR C 190 -8.96 -17.81 -29.81
N TRP C 191 -8.49 -18.13 -31.01
CA TRP C 191 -9.01 -19.29 -31.74
C TRP C 191 -7.95 -19.91 -32.62
N THR C 192 -8.21 -21.16 -33.02
CA THR C 192 -7.34 -21.85 -33.97
C THR C 192 -8.17 -22.90 -34.70
N LEU C 193 -7.64 -23.39 -35.81
CA LEU C 193 -8.29 -24.48 -36.54
C LEU C 193 -7.43 -25.72 -36.37
N LEU C 194 -8.05 -26.76 -35.83
CA LEU C 194 -7.34 -28.00 -35.50
C LEU C 194 -7.54 -29.03 -36.61
N GLU C 195 -6.45 -29.39 -37.29
CA GLU C 195 -6.53 -30.33 -38.40
C GLU C 195 -6.67 -31.75 -37.85
N PRO C 196 -7.29 -32.64 -38.65
CA PRO C 196 -7.48 -34.05 -38.27
C PRO C 196 -6.17 -34.74 -37.93
N GLY C 197 -6.20 -35.56 -36.90
CA GLY C 197 -5.02 -36.27 -36.44
C GLY C 197 -4.25 -35.47 -35.41
N ASP C 198 -4.42 -34.16 -35.43
CA ASP C 198 -3.70 -33.28 -34.51
C ASP C 198 -4.42 -33.24 -33.16
N THR C 199 -3.66 -33.00 -32.10
CA THR C 199 -4.22 -32.96 -30.75
C THR C 199 -3.80 -31.66 -30.06
N ILE C 200 -4.78 -30.92 -29.54
CA ILE C 200 -4.50 -29.66 -28.85
C ILE C 200 -4.51 -29.83 -27.33
N ILE C 201 -3.46 -29.34 -26.68
CA ILE C 201 -3.27 -29.52 -25.24
C ILE C 201 -3.33 -28.19 -24.48
N PHE C 202 -4.31 -28.06 -23.60
CA PHE C 202 -4.44 -26.88 -22.73
C PHE C 202 -3.78 -27.15 -21.39
N GLU C 203 -2.91 -26.25 -20.95
CA GLU C 203 -2.36 -26.32 -19.60
C GLU C 203 -2.45 -24.96 -18.89
N ALA C 204 -2.82 -24.96 -17.62
CA ALA C 204 -3.03 -23.72 -16.88
C ALA C 204 -2.93 -23.89 -15.36
N ASN C 205 -2.84 -22.75 -14.67
CA ASN C 205 -3.04 -22.71 -13.21
C ASN C 205 -3.91 -21.52 -12.84
N GLY C 206 -4.60 -20.98 -13.85
CA GLY C 206 -5.52 -19.88 -13.65
C GLY C 206 -5.86 -19.16 -14.94
N ASN C 207 -6.85 -18.27 -14.88
CA ASN C 207 -7.12 -17.34 -15.96
C ASN C 207 -7.63 -17.94 -17.28
N LEU C 208 -7.62 -19.26 -17.40
CA LEU C 208 -8.10 -19.91 -18.62
C LEU C 208 -9.62 -20.01 -18.67
N ILE C 209 -10.24 -19.24 -19.55
CA ILE C 209 -11.63 -19.44 -19.88
C ILE C 209 -11.65 -20.60 -20.87
N ALA C 210 -11.90 -21.79 -20.36
CA ALA C 210 -11.77 -23.02 -21.13
C ALA C 210 -12.83 -23.17 -22.21
N PRO C 211 -12.50 -23.90 -23.28
CA PRO C 211 -13.49 -24.21 -24.32
C PRO C 211 -14.49 -25.24 -23.81
N ARG C 212 -15.77 -25.09 -24.15
CA ARG C 212 -16.72 -26.13 -23.81
C ARG C 212 -17.22 -26.79 -25.10
N TYR C 213 -17.81 -25.98 -25.97
CA TYR C 213 -18.22 -26.45 -27.28
C TYR C 213 -17.24 -25.91 -28.33
N ALA C 214 -16.90 -26.76 -29.29
CA ALA C 214 -16.08 -26.36 -30.43
C ALA C 214 -16.95 -26.40 -31.68
N PHE C 215 -16.33 -26.38 -32.86
CA PHE C 215 -17.08 -26.43 -34.11
C PHE C 215 -16.29 -27.18 -35.18
N ALA C 216 -16.88 -28.25 -35.72
CA ALA C 216 -16.25 -29.00 -36.80
C ALA C 216 -16.84 -28.64 -38.16
N LEU C 217 -15.99 -28.09 -39.04
CA LEU C 217 -16.43 -27.64 -40.34
C LEU C 217 -15.67 -28.31 -41.49
N ASP D 1 16.90 29.68 -14.96
CA ASP D 1 17.95 30.66 -14.72
C ASP D 1 19.35 30.04 -14.79
N ILE D 2 19.47 28.81 -14.31
CA ILE D 2 20.74 28.08 -14.36
C ILE D 2 20.81 27.19 -15.59
N GLN D 3 21.74 27.45 -16.49
CA GLN D 3 21.97 26.52 -17.59
C GLN D 3 22.89 25.39 -17.17
N MET D 4 22.59 24.19 -17.66
CA MET D 4 23.40 23.01 -17.39
C MET D 4 24.04 22.55 -18.69
N THR D 5 25.34 22.28 -18.66
CA THR D 5 26.04 21.86 -19.86
C THR D 5 26.73 20.53 -19.69
N GLN D 6 26.36 19.57 -20.53
CA GLN D 6 26.96 18.24 -20.50
C GLN D 6 28.01 18.10 -21.58
N SER D 7 28.94 17.19 -21.35
CA SER D 7 29.96 16.86 -22.32
C SER D 7 30.41 15.45 -22.05
N PRO D 8 30.62 14.66 -23.11
CA PRO D 8 30.43 15.06 -24.51
C PRO D 8 28.99 14.89 -24.97
N SER D 9 28.71 15.27 -26.21
CA SER D 9 27.38 15.07 -26.76
C SER D 9 27.20 13.59 -27.01
N SER D 10 28.25 12.95 -27.51
CA SER D 10 28.22 11.51 -27.76
C SER D 10 29.61 10.91 -27.54
N LEU D 11 29.63 9.63 -27.21
CA LEU D 11 30.89 8.90 -27.06
C LEU D 11 30.65 7.40 -27.23
N SER D 12 31.66 6.69 -27.71
CA SER D 12 31.57 5.24 -27.82
C SER D 12 32.68 4.59 -27.02
N ALA D 13 32.28 3.69 -26.12
CA ALA D 13 33.24 2.98 -25.29
C ALA D 13 32.90 1.50 -25.31
N SER D 14 33.88 0.66 -25.03
CA SER D 14 33.68 -0.78 -25.07
C SER D 14 33.22 -1.33 -23.73
N VAL D 15 32.68 -2.54 -23.77
CA VAL D 15 32.26 -3.22 -22.56
C VAL D 15 33.46 -3.41 -21.63
N GLY D 16 33.30 -3.00 -20.38
CA GLY D 16 34.37 -3.11 -19.40
C GLY D 16 35.12 -1.81 -19.16
N ASP D 17 35.03 -0.91 -20.13
CA ASP D 17 35.70 0.39 -20.03
C ASP D 17 35.09 1.28 -18.96
N ARG D 18 35.89 2.23 -18.49
CA ARG D 18 35.41 3.25 -17.57
C ARG D 18 34.99 4.49 -18.35
N VAL D 19 33.69 4.79 -18.33
CA VAL D 19 33.23 5.98 -19.02
C VAL D 19 32.88 7.06 -18.01
N THR D 20 33.41 8.26 -18.24
CA THR D 20 33.15 9.40 -17.38
C THR D 20 32.54 10.53 -18.21
N ILE D 21 31.39 11.02 -17.78
CA ILE D 21 30.79 12.17 -18.45
C ILE D 21 30.58 13.31 -17.45
N THR D 22 30.68 14.55 -17.94
CA THR D 22 30.68 15.71 -17.06
C THR D 22 29.51 16.66 -17.30
N CYS D 23 29.05 17.26 -16.20
CA CYS D 23 27.99 18.27 -16.25
C CYS D 23 28.53 19.57 -15.68
N ARG D 24 28.15 20.71 -16.26
CA ARG D 24 28.60 22.01 -15.76
C ARG D 24 27.45 23.00 -15.55
N ALA D 25 27.47 23.64 -14.38
CA ALA D 25 26.46 24.62 -14.03
C ALA D 25 26.97 26.05 -14.23
N SER D 26 26.09 26.93 -14.66
CA SER D 26 26.48 28.31 -14.96
C SER D 26 26.94 29.05 -13.69
N GLN D 27 26.38 28.67 -12.54
CA GLN D 27 26.76 29.23 -11.25
C GLN D 27 26.79 28.08 -10.26
N SER D 28 27.36 28.30 -9.07
CA SER D 28 27.46 27.22 -8.09
C SER D 28 26.07 26.70 -7.71
N ILE D 29 26.01 25.42 -7.35
CA ILE D 29 24.78 24.77 -6.97
C ILE D 29 25.11 23.74 -5.92
N SER D 30 26.30 23.89 -5.36
CA SER D 30 26.82 23.01 -4.31
C SER D 30 26.78 21.54 -4.69
N SER D 31 25.86 20.80 -4.10
CA SER D 31 25.68 19.39 -4.41
C SER D 31 24.26 19.07 -4.87
N TYR D 32 23.54 20.10 -5.33
CA TYR D 32 22.17 19.92 -5.74
C TYR D 32 22.05 19.54 -7.22
N LEU D 33 22.64 18.38 -7.55
CA LEU D 33 22.59 17.88 -8.93
C LEU D 33 22.14 16.42 -8.96
N ASN D 34 21.25 16.10 -9.89
CA ASN D 34 20.80 14.73 -10.09
C ASN D 34 21.24 14.19 -11.43
N TRP D 35 21.40 12.87 -11.53
CA TRP D 35 21.73 12.22 -12.79
C TRP D 35 20.64 11.23 -13.19
N TYR D 36 20.27 11.23 -14.46
CA TYR D 36 19.24 10.33 -14.96
C TYR D 36 19.75 9.50 -16.12
N GLN D 37 19.20 8.30 -16.25
CA GLN D 37 19.50 7.39 -17.35
C GLN D 37 18.24 7.15 -18.17
N GLN D 38 18.27 7.46 -19.47
CA GLN D 38 17.11 7.24 -20.32
C GLN D 38 17.39 6.28 -21.47
N LYS D 39 16.67 5.16 -21.47
CA LYS D 39 16.74 4.17 -22.53
C LYS D 39 15.54 4.34 -23.48
N PRO D 40 15.72 3.99 -24.76
CA PRO D 40 14.75 4.20 -25.84
C PRO D 40 13.33 3.74 -25.52
N GLY D 41 12.39 4.66 -25.58
CA GLY D 41 10.99 4.38 -25.30
C GLY D 41 10.63 4.28 -23.83
N LYS D 42 11.63 4.43 -22.96
CA LYS D 42 11.38 4.43 -21.53
C LYS D 42 11.54 5.83 -20.93
N ALA D 43 10.99 6.03 -19.75
CA ALA D 43 11.13 7.30 -19.04
C ALA D 43 12.52 7.42 -18.46
N PRO D 44 12.94 8.66 -18.14
CA PRO D 44 14.23 8.79 -17.47
C PRO D 44 14.21 8.09 -16.13
N LYS D 45 15.31 7.45 -15.78
CA LYS D 45 15.43 6.75 -14.50
C LYS D 45 16.53 7.38 -13.67
N LEU D 46 16.21 7.69 -12.42
CA LEU D 46 17.15 8.33 -11.50
C LEU D 46 18.32 7.41 -11.14
N LEU D 47 19.54 7.90 -11.35
CA LEU D 47 20.75 7.17 -11.00
C LEU D 47 21.36 7.74 -9.73
N ILE D 48 21.68 9.04 -9.76
CA ILE D 48 22.31 9.69 -8.62
C ILE D 48 21.58 10.97 -8.23
N TYR D 49 21.25 11.09 -6.94
CA TYR D 49 20.76 12.35 -6.37
C TYR D 49 21.84 12.95 -5.48
N ALA D 50 21.68 14.24 -5.15
CA ALA D 50 22.62 14.94 -4.25
C ALA D 50 24.08 14.78 -4.68
N ALA D 51 24.28 14.81 -5.99
CA ALA D 51 25.62 14.78 -6.60
C ALA D 51 26.38 13.47 -6.53
N SER D 52 26.23 12.75 -5.41
CA SER D 52 27.06 11.58 -5.17
C SER D 52 26.34 10.39 -4.54
N SER D 53 25.03 10.51 -4.33
CA SER D 53 24.29 9.47 -3.64
C SER D 53 23.62 8.48 -4.60
N LEU D 54 24.00 7.22 -4.51
CA LEU D 54 23.43 6.18 -5.35
C LEU D 54 22.00 5.83 -4.94
N GLN D 55 21.08 5.91 -5.89
CA GLN D 55 19.69 5.56 -5.66
C GLN D 55 19.56 4.06 -5.52
N SER D 56 18.65 3.62 -4.66
CA SER D 56 18.44 2.20 -4.42
C SER D 56 17.97 1.52 -5.70
N GLY D 57 18.53 0.33 -5.96
CA GLY D 57 18.15 -0.44 -7.12
C GLY D 57 19.08 -0.21 -8.29
N VAL D 58 19.89 0.84 -8.19
CA VAL D 58 20.87 1.15 -9.23
C VAL D 58 22.16 0.41 -8.95
N PRO D 59 22.75 -0.22 -9.98
CA PRO D 59 24.02 -0.93 -9.86
C PRO D 59 25.11 -0.06 -9.25
N SER D 60 26.03 -0.68 -8.50
CA SER D 60 27.07 0.06 -7.82
C SER D 60 28.16 0.59 -8.74
N ARG D 61 28.13 0.19 -10.00
CA ARG D 61 29.13 0.64 -10.96
C ARG D 61 28.90 2.08 -11.39
N PHE D 62 27.74 2.62 -11.02
CA PHE D 62 27.46 4.03 -11.27
C PHE D 62 27.89 4.87 -10.08
N SER D 63 28.64 5.92 -10.35
CA SER D 63 29.11 6.80 -9.29
C SER D 63 28.94 8.26 -9.71
N GLY D 64 28.48 9.08 -8.78
CA GLY D 64 28.35 10.50 -9.01
C GLY D 64 29.38 11.23 -8.17
N SER D 65 29.90 12.32 -8.70
CA SER D 65 30.92 13.08 -8.00
C SER D 65 30.83 14.55 -8.38
N GLY D 66 31.50 15.40 -7.60
CA GLY D 66 31.56 16.81 -7.89
C GLY D 66 30.79 17.67 -6.91
N SER D 67 31.13 18.95 -6.88
CA SER D 67 30.42 19.91 -6.05
C SER D 67 30.71 21.31 -6.59
N GLY D 68 29.78 22.23 -6.40
CA GLY D 68 29.95 23.57 -6.91
C GLY D 68 29.41 23.75 -8.32
N THR D 69 30.29 23.62 -9.31
CA THR D 69 29.91 23.86 -10.71
C THR D 69 30.24 22.71 -11.65
N ASP D 70 31.17 21.85 -11.23
CA ASP D 70 31.63 20.77 -12.10
C ASP D 70 31.37 19.41 -11.50
N PHE D 71 30.67 18.57 -12.26
CA PHE D 71 30.25 17.25 -11.78
C PHE D 71 30.61 16.14 -12.75
N THR D 72 30.63 14.91 -12.25
CA THR D 72 31.02 13.77 -13.07
C THR D 72 30.21 12.52 -12.74
N LEU D 73 29.67 11.89 -13.79
CA LEU D 73 29.02 10.60 -13.65
C LEU D 73 30.00 9.57 -14.20
N THR D 74 30.22 8.50 -13.44
CA THR D 74 31.22 7.51 -13.80
C THR D 74 30.62 6.11 -13.83
N ILE D 75 30.89 5.39 -14.91
CA ILE D 75 30.55 3.97 -14.99
C ILE D 75 31.83 3.15 -14.98
N SER D 76 32.07 2.45 -13.87
CA SER D 76 33.34 1.75 -13.64
C SER D 76 33.65 0.65 -14.64
N SER D 77 32.69 -0.24 -14.85
CA SER D 77 32.84 -1.32 -15.81
C SER D 77 31.62 -1.34 -16.71
N LEU D 78 31.75 -0.71 -17.88
CA LEU D 78 30.63 -0.52 -18.79
C LEU D 78 30.00 -1.84 -19.22
N GLN D 79 28.67 -1.89 -19.17
CA GLN D 79 27.93 -3.07 -19.60
C GLN D 79 27.06 -2.68 -20.77
N PRO D 80 26.73 -3.66 -21.63
CA PRO D 80 25.91 -3.36 -22.80
C PRO D 80 24.54 -2.79 -22.47
N GLU D 81 24.02 -3.09 -21.29
CA GLU D 81 22.72 -2.56 -20.89
C GLU D 81 22.78 -1.05 -20.69
N ASP D 82 23.99 -0.53 -20.53
CA ASP D 82 24.17 0.87 -20.16
C ASP D 82 24.02 1.83 -21.36
N PHE D 83 23.72 1.27 -22.54
CA PHE D 83 23.37 2.10 -23.69
C PHE D 83 22.16 2.94 -23.35
N ALA D 84 22.35 4.25 -23.36
CA ALA D 84 21.31 5.21 -22.98
C ALA D 84 21.76 6.63 -23.23
N THR D 85 20.83 7.57 -23.07
CA THR D 85 21.17 8.98 -23.02
C THR D 85 21.23 9.37 -21.54
N TYR D 86 22.27 10.11 -21.15
CA TYR D 86 22.40 10.44 -19.73
C TYR D 86 22.18 11.94 -19.48
N TYR D 87 21.32 12.24 -18.51
CA TYR D 87 21.02 13.64 -18.20
C TYR D 87 21.40 14.02 -16.78
N CYS D 88 21.92 15.22 -16.62
CA CYS D 88 22.08 15.82 -15.31
C CYS D 88 20.98 16.86 -15.10
N GLN D 89 20.64 17.13 -13.85
CA GLN D 89 19.66 18.16 -13.54
C GLN D 89 20.05 18.86 -12.25
N GLN D 90 19.96 20.18 -12.25
CA GLN D 90 20.17 20.93 -11.03
C GLN D 90 18.88 20.94 -10.24
N SER D 91 19.00 20.78 -8.93
CA SER D 91 17.85 20.81 -8.05
C SER D 91 18.00 21.99 -7.11
N TYR D 92 18.81 22.96 -7.52
CA TYR D 92 19.13 24.13 -6.72
C TYR D 92 18.03 25.17 -6.68
N SER D 93 17.43 25.46 -7.83
CA SER D 93 16.39 26.47 -7.89
C SER D 93 15.45 26.30 -9.08
N ILE D 94 14.30 26.96 -8.99
CA ILE D 94 13.32 26.99 -10.06
C ILE D 94 13.89 27.85 -11.20
N PRO D 95 13.68 27.43 -12.46
CA PRO D 95 12.83 26.33 -12.92
C PRO D 95 13.48 25.00 -13.22
N LEU D 96 14.29 24.43 -12.33
CA LEU D 96 14.76 23.04 -12.49
C LEU D 96 15.23 22.69 -13.90
N THR D 97 16.49 22.91 -14.23
CA THR D 97 16.96 22.70 -15.59
C THR D 97 17.75 21.40 -15.78
N PHE D 98 17.60 20.78 -16.94
CA PHE D 98 18.34 19.57 -17.31
C PHE D 98 19.50 19.90 -18.23
N GLY D 99 20.47 18.99 -18.32
CA GLY D 99 21.52 19.09 -19.31
C GLY D 99 20.97 18.70 -20.67
N GLN D 100 21.79 18.86 -21.71
CA GLN D 100 21.35 18.57 -23.06
C GLN D 100 21.39 17.08 -23.34
N GLY D 101 22.10 16.35 -22.48
CA GLY D 101 22.16 14.91 -22.60
C GLY D 101 23.44 14.44 -23.26
N THR D 102 23.89 13.25 -22.86
CA THR D 102 25.04 12.61 -23.46
C THR D 102 24.60 11.26 -23.99
N ARG D 103 24.89 10.97 -25.25
CA ARG D 103 24.55 9.67 -25.83
C ARG D 103 25.71 8.71 -25.71
N LEU D 104 25.53 7.66 -24.91
CA LEU D 104 26.53 6.61 -24.77
C LEU D 104 26.29 5.46 -25.73
N GLU D 105 27.23 5.24 -26.64
CA GLU D 105 27.18 4.12 -27.57
C GLU D 105 28.17 3.04 -27.15
N ILE D 106 27.76 1.78 -27.23
CA ILE D 106 28.66 0.70 -26.87
C ILE D 106 29.41 0.27 -28.12
N LYS D 107 30.74 0.29 -28.05
CA LYS D 107 31.58 -0.15 -29.16
C LYS D 107 31.86 -1.64 -29.02
N ARG D 108 31.62 -2.37 -30.10
CA ARG D 108 31.87 -3.81 -30.10
C ARG D 108 32.54 -4.26 -31.39
N THR D 109 32.72 -5.56 -31.53
CA THR D 109 33.38 -6.11 -32.71
C THR D 109 32.46 -6.06 -33.93
N VAL D 110 33.07 -6.05 -35.10
CA VAL D 110 32.36 -6.00 -36.36
C VAL D 110 31.47 -7.22 -36.51
N ALA D 111 30.25 -6.98 -36.96
CA ALA D 111 29.29 -8.05 -37.20
C ALA D 111 28.57 -7.77 -38.50
N ALA D 112 28.72 -8.67 -39.46
CA ALA D 112 28.05 -8.51 -40.75
C ALA D 112 26.55 -8.74 -40.60
N PRO D 113 25.74 -7.95 -41.32
CA PRO D 113 24.27 -8.05 -41.25
C PRO D 113 23.71 -9.28 -41.98
N SER D 114 22.52 -9.70 -41.59
CA SER D 114 21.81 -10.71 -42.36
C SER D 114 20.80 -9.97 -43.20
N VAL D 115 20.78 -10.26 -44.50
CA VAL D 115 19.93 -9.52 -45.41
C VAL D 115 18.75 -10.32 -45.90
N PHE D 116 17.57 -9.70 -45.88
CA PHE D 116 16.33 -10.33 -46.32
C PHE D 116 15.58 -9.36 -47.22
N ILE D 117 14.80 -9.88 -48.17
CA ILE D 117 13.95 -9.01 -48.97
C ILE D 117 12.52 -9.53 -48.89
N PHE D 118 11.55 -8.63 -48.92
CA PHE D 118 10.15 -8.97 -48.79
C PHE D 118 9.35 -8.40 -49.94
N PRO D 119 8.85 -9.27 -50.82
CA PRO D 119 8.05 -8.76 -51.93
C PRO D 119 6.77 -8.15 -51.38
N PRO D 120 6.17 -7.22 -52.14
CA PRO D 120 4.87 -6.62 -51.78
C PRO D 120 3.82 -7.70 -51.58
N SER D 121 2.69 -7.33 -50.98
CA SER D 121 1.66 -8.32 -50.69
C SER D 121 0.50 -8.03 -51.62
N ASP D 122 -0.26 -9.07 -51.94
CA ASP D 122 -1.33 -8.95 -52.92
C ASP D 122 -2.40 -8.03 -52.38
N GLU D 123 -2.55 -8.04 -51.05
CA GLU D 123 -3.54 -7.22 -50.37
C GLU D 123 -3.22 -5.73 -50.53
N GLN D 124 -1.94 -5.39 -50.49
CA GLN D 124 -1.52 -4.00 -50.63
C GLN D 124 -1.65 -3.51 -52.07
N LEU D 125 -1.20 -4.35 -53.00
CA LEU D 125 -1.27 -4.08 -54.43
C LEU D 125 -2.72 -3.84 -54.88
N LYS D 126 -3.65 -4.48 -54.18
CA LYS D 126 -5.08 -4.30 -54.42
C LYS D 126 -5.48 -2.82 -54.30
N SER D 127 -4.68 -2.06 -53.56
CA SER D 127 -4.96 -0.66 -53.28
C SER D 127 -4.15 0.26 -54.19
N GLY D 128 -3.13 -0.31 -54.83
CA GLY D 128 -2.41 0.34 -55.91
C GLY D 128 -1.13 1.02 -55.48
N THR D 129 -0.38 0.34 -54.63
CA THR D 129 0.92 0.78 -54.16
C THR D 129 1.71 -0.48 -53.82
N ALA D 130 3.03 -0.45 -54.05
CA ALA D 130 3.84 -1.62 -53.76
C ALA D 130 5.06 -1.26 -52.91
N SER D 131 5.08 -1.73 -51.67
CA SER D 131 6.23 -1.54 -50.81
C SER D 131 7.10 -2.79 -50.80
N VAL D 132 8.35 -2.62 -51.21
CA VAL D 132 9.34 -3.68 -51.13
C VAL D 132 10.25 -3.35 -49.97
N VAL D 133 10.41 -4.29 -49.04
CA VAL D 133 11.17 -4.02 -47.83
C VAL D 133 12.43 -4.84 -47.81
N CYS D 134 13.56 -4.19 -47.53
CA CYS D 134 14.81 -4.92 -47.36
C CYS D 134 15.20 -4.85 -45.89
N LEU D 135 15.53 -6.00 -45.32
CA LEU D 135 15.90 -6.09 -43.91
C LEU D 135 17.37 -6.40 -43.67
N LEU D 136 18.05 -5.50 -42.95
CA LEU D 136 19.40 -5.77 -42.47
C LEU D 136 19.33 -6.03 -40.98
N ASN D 137 19.83 -7.19 -40.55
CA ASN D 137 19.64 -7.57 -39.16
C ASN D 137 20.93 -7.82 -38.37
N ASN D 138 21.03 -7.18 -37.21
CA ASN D 138 22.08 -7.44 -36.22
C ASN D 138 23.50 -7.21 -36.70
N PHE D 139 23.80 -5.96 -37.07
CA PHE D 139 25.13 -5.62 -37.58
C PHE D 139 25.83 -4.55 -36.75
N TYR D 140 27.16 -4.51 -36.88
CA TYR D 140 28.03 -3.52 -36.26
C TYR D 140 29.26 -3.32 -37.14
N PRO D 141 29.59 -2.06 -37.47
CA PRO D 141 28.94 -0.85 -36.94
C PRO D 141 27.68 -0.42 -37.68
N ARG D 142 27.21 0.78 -37.34
CA ARG D 142 25.96 1.32 -37.84
C ARG D 142 26.02 1.62 -39.33
N GLU D 143 27.16 2.10 -39.79
CA GLU D 143 27.30 2.54 -41.17
C GLU D 143 27.05 1.39 -42.14
N ALA D 144 26.06 1.56 -43.00
CA ALA D 144 25.71 0.53 -43.96
C ALA D 144 25.14 1.17 -45.20
N LYS D 145 25.46 0.58 -46.36
CA LYS D 145 24.94 1.07 -47.63
C LYS D 145 23.91 0.12 -48.21
N VAL D 146 22.75 0.65 -48.58
CA VAL D 146 21.68 -0.17 -49.13
C VAL D 146 21.23 0.36 -50.47
N GLN D 147 21.57 -0.38 -51.53
CA GLN D 147 21.26 0.05 -52.89
C GLN D 147 20.17 -0.83 -53.46
N TRP D 148 19.07 -0.20 -53.89
CA TRP D 148 18.00 -0.92 -54.56
C TRP D 148 18.28 -1.09 -56.05
N LYS D 149 17.83 -2.20 -56.60
CA LYS D 149 17.93 -2.42 -58.03
C LYS D 149 16.66 -3.03 -58.61
N VAL D 150 16.07 -2.33 -59.57
CA VAL D 150 14.93 -2.86 -60.29
C VAL D 150 15.38 -3.17 -61.71
N ASP D 151 15.29 -4.44 -62.09
CA ASP D 151 15.79 -4.92 -63.38
C ASP D 151 17.27 -4.58 -63.51
N ASN D 152 17.97 -4.66 -62.38
CA ASN D 152 19.41 -4.43 -62.32
C ASN D 152 19.79 -2.98 -62.57
N ALA D 153 18.78 -2.12 -62.73
CA ALA D 153 19.03 -0.68 -62.78
C ALA D 153 18.98 -0.14 -61.36
N LEU D 154 19.76 0.90 -61.09
CA LEU D 154 19.83 1.43 -59.75
C LEU D 154 18.77 2.49 -59.49
N GLN D 155 18.08 2.38 -58.36
CA GLN D 155 17.00 3.28 -58.01
C GLN D 155 17.48 4.42 -57.13
N SER D 156 16.74 5.53 -57.13
CA SER D 156 17.09 6.68 -56.31
C SER D 156 15.88 7.59 -56.04
N GLY D 157 15.70 7.98 -54.78
CA GLY D 157 14.66 8.93 -54.41
C GLY D 157 13.31 8.29 -54.15
N ASN D 158 13.28 6.95 -54.16
CA ASN D 158 12.03 6.23 -53.95
C ASN D 158 12.13 5.19 -52.85
N SER D 159 13.15 5.34 -52.01
CA SER D 159 13.33 4.45 -50.87
C SER D 159 13.63 5.28 -49.62
N GLN D 160 13.10 4.86 -48.48
CA GLN D 160 13.34 5.52 -47.21
C GLN D 160 13.74 4.50 -46.15
N GLU D 161 14.82 4.76 -45.44
CA GLU D 161 15.31 3.76 -44.50
C GLU D 161 15.18 4.19 -43.03
N SER D 162 15.01 3.22 -42.15
CA SER D 162 14.96 3.49 -40.73
C SER D 162 15.89 2.51 -40.00
N VAL D 163 16.45 2.96 -38.88
CA VAL D 163 17.40 2.14 -38.14
C VAL D 163 17.00 2.05 -36.66
N THR D 164 17.24 0.90 -36.05
CA THR D 164 16.92 0.71 -34.64
C THR D 164 17.99 1.31 -33.74
N GLU D 165 17.66 1.44 -32.47
CA GLU D 165 18.61 1.92 -31.49
C GLU D 165 19.42 0.71 -31.06
N GLN D 166 20.64 0.96 -30.62
CA GLN D 166 21.58 -0.10 -30.26
C GLN D 166 20.93 -1.09 -29.29
N ASP D 167 21.10 -2.39 -29.56
CA ASP D 167 20.47 -3.42 -28.73
C ASP D 167 21.09 -3.44 -27.34
N SER D 168 20.25 -3.67 -26.33
CA SER D 168 20.71 -3.60 -24.95
C SER D 168 21.51 -4.83 -24.51
N LYS D 169 21.53 -5.86 -25.36
CA LYS D 169 22.21 -7.11 -25.03
C LYS D 169 23.42 -7.38 -25.92
N ASP D 170 23.24 -7.30 -27.24
CA ASP D 170 24.34 -7.63 -28.15
C ASP D 170 24.96 -6.41 -28.83
N SER D 171 24.42 -5.24 -28.51
CA SER D 171 24.95 -3.96 -28.98
C SER D 171 24.92 -3.87 -30.51
N THR D 172 23.95 -4.54 -31.13
CA THR D 172 23.85 -4.53 -32.59
C THR D 172 22.81 -3.55 -33.10
N TYR D 173 22.79 -3.39 -34.41
CA TYR D 173 21.85 -2.51 -35.11
C TYR D 173 21.04 -3.31 -36.10
N SER D 174 19.86 -2.81 -36.44
CA SER D 174 19.04 -3.45 -37.46
C SER D 174 18.48 -2.33 -38.28
N LEU D 175 18.44 -2.53 -39.58
CA LEU D 175 17.98 -1.49 -40.47
C LEU D 175 17.00 -2.06 -41.46
N SER D 176 16.05 -1.22 -41.85
CA SER D 176 15.08 -1.58 -42.85
C SER D 176 15.16 -0.56 -43.97
N SER D 177 15.09 -1.04 -45.21
CA SER D 177 14.99 -0.14 -46.34
C SER D 177 13.72 -0.49 -47.08
N THR D 178 12.87 0.52 -47.35
CA THR D 178 11.59 0.23 -47.96
C THR D 178 11.45 0.98 -49.27
N LEU D 179 11.28 0.22 -50.35
CA LEU D 179 11.15 0.75 -51.69
C LEU D 179 9.66 0.91 -51.98
N THR D 180 9.25 2.14 -52.31
CA THR D 180 7.85 2.44 -52.56
C THR D 180 7.59 2.78 -54.02
N LEU D 181 6.77 1.97 -54.67
CA LEU D 181 6.47 2.11 -56.09
C LEU D 181 4.97 2.24 -56.32
N SER D 182 4.58 2.85 -57.44
CA SER D 182 3.18 2.81 -57.86
C SER D 182 2.92 1.40 -58.35
N LYS D 183 1.68 0.92 -58.18
CA LYS D 183 1.30 -0.39 -58.67
C LYS D 183 1.67 -0.53 -60.14
N ALA D 184 1.41 0.52 -60.91
CA ALA D 184 1.78 0.57 -62.32
C ALA D 184 3.24 0.21 -62.58
N ASP D 185 4.16 0.98 -61.99
CA ASP D 185 5.58 0.74 -62.20
C ASP D 185 6.06 -0.62 -61.69
N TYR D 186 5.38 -1.16 -60.69
CA TYR D 186 5.79 -2.44 -60.11
C TYR D 186 5.61 -3.57 -61.12
N GLU D 187 4.50 -3.56 -61.84
CA GLU D 187 4.25 -4.60 -62.84
C GLU D 187 4.99 -4.35 -64.16
N LYS D 188 5.41 -3.11 -64.39
CA LYS D 188 6.21 -2.79 -65.58
C LYS D 188 7.56 -3.52 -65.54
N HIS D 189 7.97 -3.95 -64.35
CA HIS D 189 9.27 -4.58 -64.20
C HIS D 189 9.19 -5.93 -63.48
N LYS D 190 10.34 -6.56 -63.28
CA LYS D 190 10.38 -7.96 -62.86
C LYS D 190 11.37 -8.28 -61.76
N VAL D 191 12.61 -7.82 -61.90
CA VAL D 191 13.65 -8.18 -60.93
C VAL D 191 13.84 -7.11 -59.87
N TYR D 192 13.64 -7.48 -58.61
CA TYR D 192 13.85 -6.55 -57.51
C TYR D 192 14.95 -7.05 -56.60
N ALA D 193 15.95 -6.20 -56.37
CA ALA D 193 17.12 -6.61 -55.63
C ALA D 193 17.54 -5.57 -54.62
N CYS D 194 18.08 -6.05 -53.50
CA CYS D 194 18.64 -5.22 -52.46
C CYS D 194 20.12 -5.51 -52.33
N GLU D 195 20.97 -4.57 -52.71
CA GLU D 195 22.41 -4.75 -52.57
C GLU D 195 22.93 -4.06 -51.32
N VAL D 196 23.61 -4.83 -50.46
CA VAL D 196 24.06 -4.32 -49.19
C VAL D 196 25.58 -4.35 -49.04
N THR D 197 26.16 -3.22 -48.66
CA THR D 197 27.59 -3.13 -48.41
C THR D 197 27.81 -2.74 -46.95
N HIS D 198 28.76 -3.40 -46.28
CA HIS D 198 29.00 -3.15 -44.86
C HIS D 198 30.42 -3.60 -44.49
N GLN D 199 30.98 -3.01 -43.43
CA GLN D 199 32.36 -3.31 -43.02
C GLN D 199 32.62 -4.80 -42.83
N GLY D 200 31.59 -5.53 -42.40
CA GLY D 200 31.72 -6.94 -42.11
C GLY D 200 31.70 -7.84 -43.33
N LEU D 201 31.22 -7.29 -44.44
CA LEU D 201 31.18 -8.05 -45.70
C LEU D 201 32.38 -7.76 -46.57
N SER D 202 33.08 -8.81 -46.99
CA SER D 202 34.25 -8.67 -47.85
C SER D 202 33.81 -8.24 -49.24
N SER D 203 32.63 -8.73 -49.64
CA SER D 203 32.02 -8.33 -50.89
C SER D 203 30.51 -8.17 -50.64
N PRO D 204 29.89 -7.20 -51.33
CA PRO D 204 28.47 -6.86 -51.15
C PRO D 204 27.53 -8.05 -51.31
N VAL D 205 26.44 -8.04 -50.53
CA VAL D 205 25.45 -9.10 -50.55
C VAL D 205 24.16 -8.63 -51.23
N THR D 206 23.64 -9.44 -52.14
CA THR D 206 22.41 -9.10 -52.84
C THR D 206 21.33 -10.14 -52.53
N LYS D 207 20.13 -9.67 -52.21
CA LYS D 207 18.97 -10.54 -52.08
C LYS D 207 17.92 -10.04 -53.08
N SER D 208 17.31 -10.97 -53.80
CA SER D 208 16.44 -10.60 -54.92
C SER D 208 15.22 -11.49 -55.01
N PHE D 209 14.22 -11.03 -55.75
CA PHE D 209 13.11 -11.87 -56.13
C PHE D 209 12.58 -11.44 -57.50
N ASN D 210 11.90 -12.35 -58.18
CA ASN D 210 11.24 -12.05 -59.45
C ASN D 210 9.75 -12.19 -59.27
N ARG D 211 8.98 -11.21 -59.77
CA ARG D 211 7.54 -11.30 -60.08
C ARG D 211 7.09 -9.97 -60.68
N GLN E 1 6.58 0.03 -5.51
CA GLN E 1 5.15 -0.21 -5.50
C GLN E 1 4.37 0.96 -6.09
N VAL E 2 4.90 2.16 -5.92
CA VAL E 2 4.20 3.36 -6.38
C VAL E 2 4.36 3.54 -7.89
N GLN E 3 3.25 3.83 -8.57
CA GLN E 3 3.23 3.88 -10.03
C GLN E 3 2.47 5.10 -10.52
N LEU E 4 2.90 5.67 -11.63
CA LEU E 4 2.21 6.81 -12.22
C LEU E 4 1.81 6.46 -13.64
N GLN E 5 0.63 6.95 -14.06
CA GLN E 5 0.18 6.70 -15.41
C GLN E 5 -0.42 7.95 -16.04
N GLU E 6 0.13 8.35 -17.18
CA GLU E 6 -0.38 9.49 -17.93
C GLU E 6 -1.57 9.06 -18.76
N SER E 7 -2.63 9.88 -18.77
CA SER E 7 -3.79 9.61 -19.60
C SER E 7 -4.23 10.90 -20.27
N GLY E 8 -4.83 10.77 -21.46
CA GLY E 8 -5.26 11.92 -22.21
C GLY E 8 -5.15 11.69 -23.70
N PRO E 9 -5.67 12.63 -24.51
CA PRO E 9 -5.64 12.52 -25.97
C PRO E 9 -4.23 12.59 -26.52
N GLY E 10 -4.01 11.93 -27.66
CA GLY E 10 -2.73 11.95 -28.33
C GLY E 10 -2.65 13.06 -29.38
N LEU E 11 -3.79 13.40 -29.95
CA LEU E 11 -3.88 14.45 -30.95
C LEU E 11 -4.64 15.65 -30.38
N VAL E 12 -4.08 16.84 -30.57
CA VAL E 12 -4.71 18.07 -30.10
C VAL E 12 -4.57 19.14 -31.18
N LYS E 13 -5.69 19.79 -31.53
CA LYS E 13 -5.67 20.83 -32.54
C LYS E 13 -4.94 22.08 -32.06
N PRO E 14 -4.28 22.80 -32.97
CA PRO E 14 -3.60 24.06 -32.66
C PRO E 14 -4.56 25.07 -32.02
N SER E 15 -4.02 25.97 -31.21
CA SER E 15 -4.80 27.00 -30.50
C SER E 15 -5.74 26.45 -29.42
N GLU E 16 -6.03 25.15 -29.46
CA GLU E 16 -6.86 24.52 -28.44
C GLU E 16 -5.99 24.12 -27.25
N THR E 17 -6.57 23.43 -26.27
CA THR E 17 -5.85 23.19 -25.02
C THR E 17 -5.54 21.73 -24.78
N LEU E 18 -4.31 21.46 -24.37
CA LEU E 18 -3.87 20.12 -24.04
C LEU E 18 -4.26 19.85 -22.61
N SER E 19 -4.89 18.71 -22.37
CA SER E 19 -5.30 18.31 -21.04
C SER E 19 -4.85 16.90 -20.76
N LEU E 20 -3.88 16.75 -19.86
CA LEU E 20 -3.35 15.45 -19.50
C LEU E 20 -3.59 15.16 -18.04
N THR E 21 -3.84 13.90 -17.71
CA THR E 21 -4.04 13.50 -16.33
C THR E 21 -3.05 12.42 -15.92
N CYS E 22 -2.58 12.48 -14.68
CA CYS E 22 -1.69 11.47 -14.13
C CYS E 22 -2.37 10.79 -12.96
N THR E 23 -2.30 9.46 -12.93
CA THR E 23 -2.95 8.68 -11.88
C THR E 23 -1.92 7.98 -11.01
N VAL E 24 -2.08 8.12 -9.70
CA VAL E 24 -1.15 7.54 -8.74
C VAL E 24 -1.69 6.24 -8.16
N SER E 25 -0.89 5.19 -8.22
CA SER E 25 -1.26 3.88 -7.69
C SER E 25 -0.14 3.35 -6.82
N GLY E 26 -0.48 2.61 -5.78
CA GLY E 26 0.52 2.07 -4.88
C GLY E 26 0.92 3.09 -3.84
N GLY E 27 0.20 4.21 -3.82
CA GLY E 27 0.48 5.30 -2.90
C GLY E 27 -0.49 6.46 -3.10
N SER E 28 -0.32 7.49 -2.28
CA SER E 28 -1.23 8.63 -2.31
C SER E 28 -0.51 9.96 -2.52
N ILE E 29 -1.23 10.92 -3.08
CA ILE E 29 -0.69 12.24 -3.36
C ILE E 29 -0.04 12.92 -2.14
N SER E 30 -0.65 12.72 -0.98
CA SER E 30 -0.23 13.34 0.29
C SER E 30 1.26 13.50 0.56
N SER E 31 1.64 14.76 0.77
CA SER E 31 2.98 15.21 1.21
C SER E 31 4.12 15.35 0.20
N TYR E 32 3.83 15.33 -1.10
CA TYR E 32 4.92 15.41 -2.09
C TYR E 32 4.59 16.31 -3.29
N TYR E 33 5.62 16.66 -4.06
CA TYR E 33 5.43 17.46 -5.27
C TYR E 33 5.05 16.58 -6.45
N TRP E 34 4.18 17.07 -7.32
CA TRP E 34 3.74 16.29 -8.47
C TRP E 34 3.94 17.11 -9.73
N SER E 35 4.81 16.62 -10.61
CA SER E 35 5.35 17.44 -11.68
C SER E 35 5.12 16.90 -13.08
N TRP E 36 5.35 17.77 -14.06
CA TRP E 36 5.25 17.39 -15.46
C TRP E 36 6.54 17.75 -16.20
N ILE E 37 7.02 16.81 -16.99
CA ILE E 37 8.23 17.00 -17.77
C ILE E 37 7.85 16.61 -19.18
N ARG E 38 8.46 17.25 -20.18
CA ARG E 38 8.18 16.87 -21.56
C ARG E 38 9.48 16.74 -22.34
N GLN E 39 9.40 16.08 -23.50
CA GLN E 39 10.56 15.79 -24.32
C GLN E 39 10.13 15.73 -25.76
N PRO E 40 10.47 16.77 -26.53
CA PRO E 40 10.14 16.76 -27.97
C PRO E 40 10.96 15.70 -28.67
N PRO E 41 10.49 15.19 -29.81
CA PRO E 41 11.19 14.04 -30.42
C PRO E 41 12.64 14.33 -30.75
N GLY E 42 13.54 13.59 -30.10
CA GLY E 42 14.97 13.75 -30.31
C GLY E 42 15.55 15.01 -29.68
N LYS E 43 14.98 15.47 -28.56
CA LYS E 43 15.32 16.81 -28.09
C LYS E 43 15.53 17.03 -26.59
N GLY E 44 15.73 15.97 -25.81
CA GLY E 44 16.00 16.16 -24.39
C GLY E 44 14.88 16.74 -23.54
N LEU E 45 15.12 16.87 -22.23
CA LEU E 45 14.05 17.11 -21.28
C LEU E 45 13.85 18.58 -20.86
N GLU E 46 12.60 18.99 -20.78
CA GLU E 46 12.25 20.31 -20.29
C GLU E 46 11.23 20.20 -19.15
N TRP E 47 11.58 20.75 -17.99
CA TRP E 47 10.68 20.77 -16.84
C TRP E 47 9.55 21.75 -17.14
N ILE E 48 8.32 21.32 -16.90
CA ILE E 48 7.16 22.20 -17.08
C ILE E 48 6.82 22.88 -15.76
N GLY E 49 6.53 22.09 -14.74
CA GLY E 49 6.20 22.61 -13.44
C GLY E 49 5.82 21.52 -12.45
N TYR E 50 5.47 21.92 -11.23
CA TYR E 50 4.90 20.99 -10.25
C TYR E 50 3.79 21.59 -9.39
N ILE E 51 3.19 20.73 -8.57
CA ILE E 51 2.21 21.14 -7.59
C ILE E 51 2.57 20.41 -6.30
N TYR E 52 2.52 21.13 -5.19
CA TYR E 52 2.76 20.54 -3.89
C TYR E 52 1.40 20.15 -3.38
N TYR E 53 1.34 19.11 -2.57
CA TYR E 53 0.08 18.45 -2.21
C TYR E 53 -0.95 19.41 -1.61
N SER E 54 -0.48 20.54 -1.09
CA SER E 54 -1.36 21.51 -0.46
C SER E 54 -1.95 22.48 -1.47
N GLY E 55 -1.45 22.40 -2.71
CA GLY E 55 -2.01 23.17 -3.81
C GLY E 55 -1.08 24.19 -4.48
N SER E 56 -0.02 24.58 -3.80
CA SER E 56 0.89 25.61 -4.32
C SER E 56 1.61 25.15 -5.60
N THR E 57 1.72 26.05 -6.57
CA THR E 57 2.32 25.70 -7.86
C THR E 57 3.61 26.45 -8.15
N ASP E 58 4.44 25.84 -9.00
CA ASP E 58 5.63 26.48 -9.55
C ASP E 58 5.80 25.98 -10.99
N TYR E 59 5.82 26.92 -11.93
CA TYR E 59 5.88 26.56 -13.34
C TYR E 59 7.17 27.06 -13.98
N ASN E 60 7.49 26.52 -15.16
CA ASN E 60 8.59 27.04 -15.96
C ASN E 60 8.11 28.39 -16.46
N PRO E 61 8.92 29.44 -16.25
CA PRO E 61 8.52 30.81 -16.63
C PRO E 61 8.20 30.93 -18.11
N SER E 62 8.75 30.04 -18.93
CA SER E 62 8.50 30.06 -20.37
C SER E 62 7.09 29.55 -20.69
N LEU E 63 6.41 28.99 -19.69
CA LEU E 63 5.09 28.39 -19.91
C LEU E 63 4.03 28.91 -18.93
N LYS E 64 4.45 29.67 -17.93
CA LYS E 64 3.58 30.11 -16.83
C LYS E 64 2.23 30.63 -17.33
N SER E 65 2.26 31.29 -18.47
CA SER E 65 1.07 31.90 -19.03
C SER E 65 0.11 30.84 -19.52
N ARG E 66 0.66 29.74 -20.04
CA ARG E 66 -0.14 28.71 -20.71
C ARG E 66 -0.46 27.49 -19.83
N VAL E 67 0.25 27.35 -18.72
CA VAL E 67 0.21 26.12 -17.93
C VAL E 67 -0.69 26.20 -16.69
N THR E 68 -1.46 25.14 -16.46
CA THR E 68 -2.20 25.00 -15.21
C THR E 68 -2.07 23.57 -14.67
N ILE E 69 -1.41 23.44 -13.53
CA ILE E 69 -1.31 22.15 -12.85
C ILE E 69 -2.25 22.16 -11.65
N SER E 70 -3.08 21.14 -11.53
CA SER E 70 -4.02 21.05 -10.43
C SER E 70 -3.95 19.66 -9.82
N VAL E 71 -4.36 19.54 -8.57
CA VAL E 71 -4.35 18.25 -7.89
C VAL E 71 -5.73 17.94 -7.33
N ASP E 72 -6.12 16.67 -7.40
CA ASP E 72 -7.40 16.21 -6.89
C ASP E 72 -7.14 14.99 -6.03
N THR E 73 -7.00 15.19 -4.73
CA THR E 73 -6.70 14.10 -3.82
C THR E 73 -7.89 13.15 -3.73
N SER E 74 -9.08 13.68 -3.99
CA SER E 74 -10.32 12.90 -3.93
C SER E 74 -10.29 11.69 -4.86
N LYS E 75 -9.44 11.75 -5.89
CA LYS E 75 -9.42 10.70 -6.91
C LYS E 75 -8.00 10.21 -7.17
N ASN E 76 -7.07 10.58 -6.29
CA ASN E 76 -5.66 10.21 -6.40
C ASN E 76 -5.03 10.59 -7.75
N GLN E 77 -5.22 11.84 -8.16
CA GLN E 77 -4.79 12.29 -9.48
C GLN E 77 -4.28 13.73 -9.43
N PHE E 78 -3.49 14.09 -10.43
CA PHE E 78 -3.14 15.48 -10.67
C PHE E 78 -3.03 15.72 -12.17
N SER E 79 -3.33 16.93 -12.59
CA SER E 79 -3.55 17.19 -14.01
C SER E 79 -2.70 18.31 -14.55
N LEU E 80 -2.53 18.31 -15.87
CA LEU E 80 -1.84 19.38 -16.57
C LEU E 80 -2.76 19.98 -17.61
N LYS E 81 -2.72 21.30 -17.75
CA LYS E 81 -3.38 21.97 -18.85
C LYS E 81 -2.43 22.94 -19.54
N LEU E 82 -2.33 22.83 -20.86
CA LEU E 82 -1.46 23.69 -21.66
C LEU E 82 -2.30 24.36 -22.73
N SER E 83 -2.47 25.67 -22.59
CA SER E 83 -3.36 26.43 -23.46
C SER E 83 -2.67 26.97 -24.72
N SER E 84 -3.45 27.12 -25.78
CA SER E 84 -2.96 27.66 -27.05
C SER E 84 -1.75 26.89 -27.57
N VAL E 85 -1.92 25.62 -27.87
CA VAL E 85 -0.80 24.75 -28.23
C VAL E 85 -0.32 24.99 -29.66
N THR E 86 1.00 24.90 -29.83
CA THR E 86 1.65 25.08 -31.11
C THR E 86 2.43 23.79 -31.41
N ALA E 87 2.79 23.55 -32.66
CA ALA E 87 3.59 22.39 -33.03
C ALA E 87 4.84 22.22 -32.14
N ALA E 88 5.28 23.30 -31.52
CA ALA E 88 6.42 23.26 -30.61
C ALA E 88 6.06 22.57 -29.30
N ASP E 89 4.76 22.38 -29.08
CA ASP E 89 4.29 21.70 -27.89
C ASP E 89 4.08 20.22 -28.15
N THR E 90 4.46 19.77 -29.34
CA THR E 90 4.42 18.35 -29.68
C THR E 90 5.57 17.65 -28.99
N ALA E 91 5.25 16.70 -28.13
CA ALA E 91 6.27 16.04 -27.33
C ALA E 91 5.71 14.80 -26.63
N VAL E 92 6.60 14.06 -26.00
CA VAL E 92 6.18 13.04 -25.06
C VAL E 92 6.10 13.69 -23.69
N TYR E 93 4.96 13.53 -23.03
CA TYR E 93 4.73 14.17 -21.74
C TYR E 93 4.81 13.16 -20.59
N TYR E 94 5.56 13.51 -19.56
CA TYR E 94 5.73 12.63 -18.42
C TYR E 94 5.17 13.26 -17.16
N CYS E 95 4.52 12.45 -16.31
CA CYS E 95 4.19 12.87 -14.97
C CYS E 95 5.20 12.23 -14.03
N ALA E 96 5.56 12.92 -12.96
CA ALA E 96 6.60 12.41 -12.08
C ALA E 96 6.43 12.90 -10.66
N ARG E 97 6.92 12.11 -9.72
CA ARG E 97 6.93 12.51 -8.33
C ARG E 97 8.25 13.14 -7.99
N ARG E 98 8.19 14.36 -7.49
CA ARG E 98 9.37 15.01 -6.93
C ARG E 98 9.26 14.94 -5.42
N ARG E 99 10.17 14.24 -4.79
CA ARG E 99 10.13 14.12 -3.34
C ARG E 99 11.32 14.82 -2.67
N SER E 100 11.09 15.27 -1.44
CA SER E 100 12.15 15.86 -0.63
C SER E 100 12.80 14.77 0.23
N ASP E 101 14.10 14.89 0.47
CA ASP E 101 14.81 13.90 1.26
C ASP E 101 16.02 14.53 1.95
N PHE E 102 16.51 13.86 2.99
CA PHE E 102 17.68 14.30 3.74
C PHE E 102 18.17 13.15 4.60
N GLU E 103 19.44 13.17 4.97
CA GLU E 103 20.00 12.16 5.84
C GLU E 103 20.35 12.82 7.17
N THR E 104 20.67 14.11 7.10
CA THR E 104 20.73 14.98 8.27
C THR E 104 20.10 16.31 7.89
N VAL E 105 19.35 16.92 8.81
CA VAL E 105 18.58 18.12 8.50
C VAL E 105 19.40 19.31 7.98
N ASP E 106 20.72 19.20 8.04
CA ASP E 106 21.60 20.26 7.58
C ASP E 106 21.61 20.33 6.06
N PHE E 107 21.28 19.22 5.42
CA PHE E 107 21.34 19.10 3.97
C PHE E 107 20.04 18.49 3.46
N ILE E 108 19.24 19.32 2.78
CA ILE E 108 17.92 18.90 2.31
C ILE E 108 17.82 19.03 0.80
N TYR E 109 17.60 17.91 0.13
CA TYR E 109 17.65 17.87 -1.32
C TYR E 109 16.38 17.29 -1.93
N HIS E 110 16.13 17.59 -3.20
CA HIS E 110 14.98 17.07 -3.89
C HIS E 110 15.42 16.23 -5.09
N TYR E 111 14.52 15.38 -5.59
CA TYR E 111 14.77 14.61 -6.79
C TYR E 111 13.49 13.98 -7.31
N MET E 112 13.45 13.69 -8.60
CA MET E 112 12.29 13.05 -9.20
C MET E 112 12.58 11.57 -9.37
N ASP E 113 11.96 10.75 -8.52
CA ASP E 113 12.32 9.34 -8.41
C ASP E 113 11.34 8.43 -9.13
N VAL E 114 10.07 8.81 -9.11
CA VAL E 114 9.04 8.01 -9.75
C VAL E 114 8.54 8.71 -10.99
N TRP E 115 8.55 7.97 -12.09
CA TRP E 115 8.16 8.46 -13.42
C TRP E 115 7.08 7.62 -14.07
N GLY E 116 6.17 8.27 -14.78
CA GLY E 116 5.20 7.57 -15.60
C GLY E 116 5.86 7.03 -16.87
N LYS E 117 5.05 6.46 -17.76
CA LYS E 117 5.61 5.84 -18.96
C LYS E 117 5.68 6.82 -20.13
N GLY E 118 5.03 7.96 -19.98
CA GLY E 118 5.05 8.96 -21.03
C GLY E 118 3.92 8.76 -22.01
N THR E 119 3.29 9.86 -22.40
CA THR E 119 2.21 9.82 -23.36
C THR E 119 2.56 10.76 -24.51
N THR E 120 2.36 10.30 -25.74
CA THR E 120 2.82 11.04 -26.89
C THR E 120 1.70 11.93 -27.38
N VAL E 121 2.00 13.22 -27.49
CA VAL E 121 1.00 14.18 -27.95
C VAL E 121 1.51 14.97 -29.14
N THR E 122 0.76 14.92 -30.23
CA THR E 122 1.10 15.66 -31.44
C THR E 122 0.07 16.74 -31.63
N VAL E 123 0.52 17.96 -31.92
CA VAL E 123 -0.41 19.05 -32.21
C VAL E 123 -0.47 19.22 -33.71
N SER E 124 -1.57 18.77 -34.29
CA SER E 124 -1.78 18.85 -35.73
C SER E 124 -3.22 19.18 -36.11
N SER E 125 -3.38 19.77 -37.28
CA SER E 125 -4.70 20.02 -37.84
C SER E 125 -5.11 18.86 -38.74
N ALA E 126 -4.46 17.71 -38.54
CA ALA E 126 -4.75 16.55 -39.36
C ALA E 126 -5.66 15.60 -38.59
N SER E 127 -6.46 14.84 -39.33
CA SER E 127 -7.40 13.93 -38.70
C SER E 127 -6.70 12.62 -38.36
N THR E 128 -7.20 11.92 -37.35
CA THR E 128 -6.63 10.63 -37.02
C THR E 128 -6.89 9.66 -38.16
N LYS E 129 -5.98 8.70 -38.35
CA LYS E 129 -6.15 7.69 -39.38
C LYS E 129 -5.54 6.37 -38.94
N GLY E 130 -6.32 5.30 -39.03
CA GLY E 130 -5.86 3.99 -38.66
C GLY E 130 -4.87 3.45 -39.66
N PRO E 131 -3.97 2.57 -39.22
CA PRO E 131 -2.94 2.00 -40.10
C PRO E 131 -3.48 0.89 -40.99
N SER E 132 -2.83 0.69 -42.12
CA SER E 132 -3.10 -0.47 -42.95
C SER E 132 -1.97 -1.47 -42.66
N VAL E 133 -2.33 -2.70 -42.35
CA VAL E 133 -1.31 -3.68 -42.00
C VAL E 133 -1.19 -4.73 -43.10
N PHE E 134 0.04 -4.99 -43.52
CA PHE E 134 0.29 -5.95 -44.59
C PHE E 134 1.39 -6.92 -44.19
N PRO E 135 1.24 -8.20 -44.56
CA PRO E 135 2.23 -9.20 -44.16
C PRO E 135 3.54 -9.06 -44.94
N LEU E 136 4.65 -9.27 -44.25
CA LEU E 136 5.93 -9.39 -44.90
C LEU E 136 6.29 -10.87 -44.84
N ALA E 137 5.94 -11.61 -45.89
CA ALA E 137 6.02 -13.07 -45.85
C ALA E 137 7.43 -13.60 -46.05
N PRO E 138 7.77 -14.68 -45.33
CA PRO E 138 9.09 -15.30 -45.45
C PRO E 138 9.21 -16.23 -46.65
N SER E 139 10.44 -16.48 -47.11
CA SER E 139 10.67 -17.37 -48.24
C SER E 139 11.60 -18.51 -47.83
N GLY E 145 22.24 -19.69 -42.78
CA GLY E 145 21.98 -20.55 -41.65
C GLY E 145 20.57 -21.12 -41.62
N GLY E 146 20.09 -21.38 -40.41
CA GLY E 146 18.78 -21.94 -40.17
C GLY E 146 17.86 -20.92 -39.55
N THR E 147 17.60 -19.85 -40.29
CA THR E 147 16.77 -18.76 -39.81
C THR E 147 15.87 -18.17 -40.88
N ALA E 148 14.67 -17.77 -40.50
CA ALA E 148 13.70 -17.17 -41.40
C ALA E 148 13.19 -15.87 -40.83
N ALA E 149 13.07 -14.86 -41.67
CA ALA E 149 12.60 -13.56 -41.23
C ALA E 149 11.22 -13.26 -41.79
N LEU E 150 10.30 -12.91 -40.90
CA LEU E 150 8.96 -12.51 -41.31
C LEU E 150 8.60 -11.23 -40.58
N GLY E 151 7.56 -10.54 -41.05
CA GLY E 151 7.20 -9.27 -40.45
C GLY E 151 5.84 -8.71 -40.83
N CYS E 152 5.58 -7.49 -40.37
CA CYS E 152 4.31 -6.82 -40.62
C CYS E 152 4.57 -5.37 -40.98
N LEU E 153 3.88 -4.89 -42.02
CA LEU E 153 4.06 -3.52 -42.46
C LEU E 153 2.88 -2.67 -42.02
N VAL E 154 3.13 -1.82 -41.04
CA VAL E 154 2.11 -0.94 -40.49
C VAL E 154 2.24 0.41 -41.20
N LYS E 155 1.25 0.73 -42.02
CA LYS E 155 1.38 1.80 -43.00
C LYS E 155 0.26 2.83 -42.92
N ASP E 156 0.61 4.09 -43.13
CA ASP E 156 -0.37 5.17 -43.31
C ASP E 156 -1.25 5.43 -42.09
N TYR E 157 -0.63 5.76 -40.96
CA TYR E 157 -1.39 6.07 -39.75
C TYR E 157 -1.01 7.44 -39.21
N PHE E 158 -1.89 8.00 -38.38
CA PHE E 158 -1.67 9.32 -37.79
C PHE E 158 -2.64 9.51 -36.64
N PRO E 159 -2.16 10.09 -35.53
CA PRO E 159 -0.76 10.43 -35.33
C PRO E 159 -0.07 9.26 -34.67
N GLU E 160 1.16 9.47 -34.19
CA GLU E 160 1.87 8.44 -33.47
C GLU E 160 1.27 8.27 -32.08
N PRO E 161 1.47 7.10 -31.45
CA PRO E 161 2.21 5.96 -31.99
C PRO E 161 1.33 4.76 -32.28
N VAL E 162 1.95 3.71 -32.81
CA VAL E 162 1.33 2.41 -32.84
C VAL E 162 2.15 1.52 -31.91
N THR E 163 1.50 0.54 -31.30
CA THR E 163 2.23 -0.48 -30.57
C THR E 163 2.14 -1.75 -31.38
N VAL E 164 3.24 -2.48 -31.50
CA VAL E 164 3.22 -3.72 -32.23
C VAL E 164 3.71 -4.83 -31.33
N SER E 165 2.91 -5.89 -31.22
CA SER E 165 3.33 -7.09 -30.49
C SER E 165 3.21 -8.30 -31.41
N TRP E 166 3.92 -9.36 -31.06
CA TRP E 166 3.85 -10.59 -31.83
C TRP E 166 3.26 -11.73 -31.01
N ASN E 167 2.16 -12.31 -31.52
CA ASN E 167 1.49 -13.40 -30.86
C ASN E 167 1.00 -12.99 -29.48
N SER E 168 0.33 -11.84 -29.42
CA SER E 168 -0.21 -11.27 -28.18
C SER E 168 0.82 -11.10 -27.07
N GLY E 169 2.08 -10.88 -27.47
CA GLY E 169 3.14 -10.59 -26.53
C GLY E 169 3.93 -11.81 -26.11
N ALA E 170 3.46 -12.99 -26.49
CA ALA E 170 4.14 -14.23 -26.15
C ALA E 170 5.49 -14.27 -26.85
N LEU E 171 5.52 -13.78 -28.10
CA LEU E 171 6.73 -13.75 -28.90
C LEU E 171 7.44 -12.42 -28.71
N THR E 172 8.65 -12.44 -28.13
CA THR E 172 9.40 -11.22 -27.88
C THR E 172 10.84 -11.32 -28.39
N SER E 173 11.43 -12.50 -28.27
CA SER E 173 12.84 -12.69 -28.64
C SER E 173 13.02 -12.52 -30.15
N GLY E 174 13.96 -11.68 -30.54
CA GLY E 174 14.29 -11.52 -31.95
C GLY E 174 13.39 -10.55 -32.69
N VAL E 175 12.54 -9.85 -31.93
CA VAL E 175 11.60 -8.90 -32.53
C VAL E 175 12.24 -7.52 -32.69
N HIS E 176 12.08 -6.94 -33.88
CA HIS E 176 12.49 -5.57 -34.12
C HIS E 176 11.34 -4.74 -34.67
N THR E 177 10.96 -3.70 -33.95
CA THR E 177 10.01 -2.72 -34.44
C THR E 177 10.73 -1.42 -34.73
N PHE E 178 10.82 -1.07 -35.99
CA PHE E 178 11.59 0.09 -36.40
C PHE E 178 10.92 1.41 -36.04
N PRO E 179 11.73 2.47 -35.88
CA PRO E 179 11.19 3.83 -35.76
C PRO E 179 10.36 4.15 -36.98
N ALA E 180 9.23 4.82 -36.77
CA ALA E 180 8.36 5.17 -37.88
C ALA E 180 9.02 6.21 -38.77
N VAL E 181 8.64 6.25 -40.04
CA VAL E 181 9.12 7.30 -40.94
C VAL E 181 7.94 8.18 -41.33
N LEU E 182 8.18 9.48 -41.41
CA LEU E 182 7.11 10.39 -41.81
C LEU E 182 7.11 10.51 -43.32
N GLN E 183 6.10 9.95 -43.97
CA GLN E 183 6.00 10.00 -45.42
C GLN E 183 5.57 11.38 -45.90
N SER E 184 5.78 11.64 -47.17
CA SER E 184 5.38 12.91 -47.78
C SER E 184 3.89 13.17 -47.65
N SER E 185 3.10 12.10 -47.55
CA SER E 185 1.66 12.21 -47.41
C SER E 185 1.25 12.82 -46.08
N GLY E 186 2.18 12.88 -45.13
CA GLY E 186 1.89 13.38 -43.80
C GLY E 186 1.48 12.24 -42.88
N LEU E 187 1.65 11.02 -43.37
CA LEU E 187 1.32 9.82 -42.59
C LEU E 187 2.57 9.01 -42.26
N TYR E 188 2.56 8.36 -41.11
CA TYR E 188 3.68 7.57 -40.62
C TYR E 188 3.62 6.12 -41.14
N SER E 189 4.78 5.50 -41.28
CA SER E 189 4.84 4.09 -41.68
C SER E 189 6.01 3.39 -41.01
N LEU E 190 5.77 2.17 -40.52
CA LEU E 190 6.81 1.36 -39.90
C LEU E 190 6.64 -0.13 -40.22
N SER E 191 7.74 -0.87 -40.14
CA SER E 191 7.71 -2.31 -40.32
C SER E 191 8.16 -2.94 -39.02
N SER E 192 7.53 -4.03 -38.63
CA SER E 192 7.97 -4.79 -37.48
C SER E 192 8.33 -6.19 -37.95
N VAL E 193 9.54 -6.63 -37.65
CA VAL E 193 10.01 -7.93 -38.10
C VAL E 193 10.44 -8.79 -36.92
N VAL E 194 10.47 -10.10 -37.14
CA VAL E 194 10.99 -11.02 -36.16
C VAL E 194 11.72 -12.14 -36.88
N THR E 195 12.89 -12.50 -36.37
CA THR E 195 13.65 -13.62 -36.93
C THR E 195 13.41 -14.85 -36.09
N VAL E 196 12.90 -15.90 -36.74
CA VAL E 196 12.58 -17.16 -36.07
C VAL E 196 13.24 -18.32 -36.80
N PRO E 197 13.35 -19.49 -36.14
CA PRO E 197 13.84 -20.69 -36.82
C PRO E 197 12.95 -21.06 -38.01
N SER E 198 13.56 -21.53 -39.08
CA SER E 198 12.83 -21.82 -40.31
C SER E 198 11.85 -22.98 -40.11
N SER E 199 12.21 -23.91 -39.25
CA SER E 199 11.36 -25.04 -38.92
C SER E 199 10.01 -24.58 -38.38
N SER E 200 10.05 -23.52 -37.59
CA SER E 200 8.88 -23.01 -36.89
C SER E 200 7.76 -22.52 -37.83
N LEU E 201 8.09 -22.34 -39.11
CA LEU E 201 7.13 -21.80 -40.07
C LEU E 201 5.95 -22.74 -40.29
N GLY E 202 6.14 -24.02 -39.99
CA GLY E 202 5.11 -25.01 -40.19
C GLY E 202 4.53 -25.48 -38.87
N THR E 203 5.30 -25.34 -37.79
CA THR E 203 4.88 -25.76 -36.46
C THR E 203 4.35 -24.62 -35.57
N GLN E 204 4.32 -23.41 -36.10
CA GLN E 204 3.86 -22.26 -35.31
C GLN E 204 3.00 -21.31 -36.15
N THR E 205 2.10 -20.59 -35.50
CA THR E 205 1.33 -19.54 -36.14
C THR E 205 1.90 -18.19 -35.73
N TYR E 206 2.04 -17.29 -36.69
CA TYR E 206 2.54 -15.94 -36.42
C TYR E 206 1.54 -14.86 -36.78
N ILE E 207 1.21 -14.05 -35.78
CA ILE E 207 0.22 -13.00 -35.93
C ILE E 207 0.77 -11.73 -35.32
N CYS E 208 0.80 -10.65 -36.09
CA CYS E 208 1.24 -9.37 -35.55
C CYS E 208 0.01 -8.65 -35.03
N ASN E 209 0.12 -8.11 -33.83
CA ASN E 209 -0.97 -7.38 -33.21
C ASN E 209 -0.63 -5.90 -33.20
N VAL E 210 -1.41 -5.10 -33.90
CA VAL E 210 -1.12 -3.69 -34.03
C VAL E 210 -2.20 -2.87 -33.36
N ASN E 211 -1.79 -1.94 -32.49
CA ASN E 211 -2.74 -1.12 -31.77
C ASN E 211 -2.49 0.35 -32.06
N HIS E 212 -3.52 1.05 -32.50
CA HIS E 212 -3.44 2.49 -32.72
C HIS E 212 -4.56 3.18 -31.96
N LYS E 213 -4.23 3.72 -30.79
CA LYS E 213 -5.23 4.33 -29.91
C LYS E 213 -6.00 5.55 -30.46
N PRO E 214 -5.29 6.49 -31.13
CA PRO E 214 -6.01 7.68 -31.61
C PRO E 214 -7.17 7.40 -32.57
N SER E 215 -7.28 6.18 -33.07
CA SER E 215 -8.35 5.82 -34.00
C SER E 215 -9.14 4.64 -33.46
N ASN E 216 -8.82 4.21 -32.24
CA ASN E 216 -9.38 3.01 -31.63
C ASN E 216 -9.25 1.80 -32.56
N THR E 217 -8.06 1.62 -33.10
CA THR E 217 -7.79 0.54 -34.04
C THR E 217 -6.91 -0.54 -33.41
N LYS E 218 -7.37 -1.79 -33.53
CA LYS E 218 -6.61 -2.93 -33.07
C LYS E 218 -6.85 -4.05 -34.08
N VAL E 219 -5.95 -4.16 -35.06
CA VAL E 219 -6.09 -5.16 -36.11
C VAL E 219 -4.97 -6.18 -36.00
N ASP E 220 -5.24 -7.42 -36.38
CA ASP E 220 -4.22 -8.45 -36.39
C ASP E 220 -3.91 -8.86 -37.81
N LYS E 221 -2.76 -9.49 -38.02
CA LYS E 221 -2.44 -10.00 -39.33
C LYS E 221 -1.66 -11.30 -39.24
N ARG E 222 -2.11 -12.30 -39.99
CA ARG E 222 -1.37 -13.56 -40.09
C ARG E 222 -0.21 -13.36 -41.05
N VAL E 223 0.92 -13.97 -40.73
CA VAL E 223 2.07 -13.92 -41.62
C VAL E 223 2.43 -15.35 -41.98
N GLU E 224 2.16 -15.72 -43.23
CA GLU E 224 2.41 -17.07 -43.72
C GLU E 224 3.35 -17.05 -44.91
N PRO E 225 4.06 -18.17 -45.15
CA PRO E 225 4.87 -18.36 -46.36
C PRO E 225 4.06 -18.24 -47.64
N GLN F 12 30.44 25.76 38.35
CA GLN F 12 31.58 25.92 37.46
C GLN F 12 31.20 25.35 36.10
N LEU F 13 31.23 26.19 35.06
CA LEU F 13 30.73 25.79 33.74
C LEU F 13 31.84 25.55 32.71
N GLY F 14 33.09 25.81 33.10
CA GLY F 14 34.22 25.68 32.19
C GLY F 14 34.12 26.58 30.97
N ASN F 15 34.10 25.97 29.79
CA ASN F 15 34.02 26.72 28.53
C ASN F 15 32.60 26.92 28.04
N CYS F 16 31.62 26.36 28.74
CA CYS F 16 30.23 26.46 28.35
C CYS F 16 29.61 27.74 28.94
N SER F 17 28.44 28.12 28.47
CA SER F 17 27.62 29.17 29.06
C SER F 17 26.42 28.56 29.79
N VAL F 18 25.67 29.40 30.50
CA VAL F 18 24.43 28.95 31.12
C VAL F 18 23.48 28.50 30.03
N ALA F 19 23.44 29.28 28.95
CA ALA F 19 22.65 28.91 27.77
C ALA F 19 23.04 27.52 27.28
N GLY F 20 24.34 27.32 27.06
CA GLY F 20 24.84 26.04 26.62
C GLY F 20 24.59 24.92 27.61
N TRP F 21 24.83 25.20 28.88
CA TRP F 21 24.70 24.19 29.93
C TRP F 21 23.26 23.73 30.15
N ILE F 22 22.32 24.66 30.12
CA ILE F 22 20.94 24.32 30.43
C ILE F 22 20.18 23.81 29.20
N LEU F 23 20.65 24.18 28.02
CA LEU F 23 20.04 23.67 26.78
C LEU F 23 20.51 22.25 26.49
N GLY F 24 21.79 22.00 26.73
CA GLY F 24 22.35 20.67 26.53
C GLY F 24 23.31 20.59 25.37
N ASN F 25 24.16 21.61 25.23
CA ASN F 25 25.24 21.56 24.26
C ASN F 25 26.13 20.36 24.54
N PRO F 26 26.37 19.54 23.51
CA PRO F 26 27.16 18.31 23.63
C PRO F 26 28.59 18.55 24.10
N GLU F 27 29.10 19.77 23.94
CA GLU F 27 30.44 20.10 24.39
C GLU F 27 30.43 20.58 25.85
N CYS F 28 29.29 20.44 26.49
CA CYS F 28 29.08 21.03 27.80
C CYS F 28 28.47 19.95 28.66
N GLU F 29 29.26 18.92 28.89
CA GLU F 29 28.78 17.67 29.44
C GLU F 29 28.84 17.65 30.98
N LEU F 30 28.37 18.73 31.59
CA LEU F 30 28.21 18.85 33.01
C LEU F 30 27.00 18.05 33.40
N LEU F 31 27.11 16.74 33.30
CA LEU F 31 25.98 15.87 33.59
C LEU F 31 25.91 15.50 35.07
N ILE F 32 26.86 15.99 35.84
CA ILE F 32 26.87 15.78 37.28
C ILE F 32 25.80 16.60 37.94
N SER F 33 25.70 17.84 37.48
CA SER F 33 24.72 18.83 37.86
C SER F 33 24.91 19.08 39.34
N ARG F 34 23.82 19.11 40.11
CA ARG F 34 23.92 19.20 41.57
C ARG F 34 22.54 19.27 42.18
N GLU F 35 22.51 19.47 43.47
CA GLU F 35 21.26 19.71 44.15
C GLU F 35 21.10 21.22 44.36
N SER F 36 22.25 21.87 44.45
CA SER F 36 22.34 23.32 44.49
C SER F 36 23.77 23.80 44.41
N TRP F 37 23.88 25.12 44.36
CA TRP F 37 25.12 25.82 44.43
C TRP F 37 24.65 27.23 44.76
N SER F 38 25.55 28.09 45.18
CA SER F 38 25.24 29.49 45.29
C SER F 38 26.02 30.05 44.15
N TYR F 39 25.38 30.68 43.19
CA TYR F 39 26.14 31.35 42.14
C TYR F 39 26.77 30.36 41.15
N ILE F 40 26.49 30.63 39.88
CA ILE F 40 27.08 30.03 38.71
C ILE F 40 28.38 30.75 38.41
N VAL F 41 29.21 30.12 37.60
CA VAL F 41 30.44 30.77 37.18
C VAL F 41 30.65 30.62 35.69
N GLU F 42 30.75 31.71 34.93
CA GLU F 42 31.09 31.64 33.51
C GLU F 42 32.43 32.27 33.17
N LYS F 43 32.90 32.04 31.95
CA LYS F 43 33.99 32.84 31.39
C LYS F 43 33.38 34.16 30.93
N PRO F 44 34.22 35.20 30.82
CA PRO F 44 33.76 36.50 30.33
C PRO F 44 33.08 36.38 28.96
N ASN F 45 33.65 35.55 28.10
CA ASN F 45 33.09 35.31 26.76
C ASN F 45 33.06 33.82 26.44
N PRO F 46 32.08 33.09 27.01
CA PRO F 46 31.99 31.64 26.83
C PRO F 46 31.82 31.27 25.36
N GLU F 47 32.56 30.26 24.91
CA GLU F 47 32.60 29.90 23.50
C GLU F 47 31.54 28.87 23.08
N ASN F 48 31.08 28.06 24.02
CA ASN F 48 30.12 27.00 23.71
C ASN F 48 28.77 27.20 24.41
N GLY F 49 27.83 27.80 23.70
CA GLY F 49 26.50 28.08 24.24
C GLY F 49 25.39 27.53 23.35
N THR F 50 24.70 28.44 22.63
CA THR F 50 23.70 28.01 21.68
C THR F 50 24.37 27.62 20.37
N CYS F 51 24.65 26.32 20.22
CA CYS F 51 25.36 25.79 19.07
C CYS F 51 24.60 26.00 17.76
N TYR F 52 23.28 25.93 17.81
CA TYR F 52 22.47 26.26 16.63
C TYR F 52 21.91 27.67 16.82
N PRO F 53 22.28 28.58 15.91
CA PRO F 53 22.00 30.01 16.07
C PRO F 53 20.50 30.35 16.13
N GLY F 54 20.18 31.34 16.95
CA GLY F 54 18.81 31.75 17.19
C GLY F 54 18.76 32.65 18.41
N HIS F 55 17.57 32.97 18.88
CA HIS F 55 17.44 33.88 20.03
C HIS F 55 16.88 33.22 21.28
N PHE F 56 17.66 33.28 22.36
CA PHE F 56 17.22 32.79 23.66
C PHE F 56 16.42 33.91 24.32
N ALA F 57 15.13 33.67 24.50
CA ALA F 57 14.24 34.69 25.06
C ALA F 57 14.44 34.84 26.57
N ASP F 58 14.61 36.08 27.02
CA ASP F 58 14.77 36.39 28.44
C ASP F 58 15.96 35.66 29.07
N TYR F 59 17.13 35.80 28.47
CA TYR F 59 18.33 35.13 28.93
C TYR F 59 18.71 35.58 30.34
N GLU F 60 18.91 36.89 30.50
CA GLU F 60 19.35 37.46 31.77
C GLU F 60 18.45 37.12 32.95
N GLU F 61 17.14 37.28 32.76
CA GLU F 61 16.19 36.95 33.81
C GLU F 61 16.35 35.50 34.26
N LEU F 62 16.68 34.63 33.32
CA LEU F 62 16.89 33.22 33.62
C LEU F 62 18.21 33.08 34.37
N ARG F 63 19.24 33.79 33.92
CA ARG F 63 20.54 33.79 34.58
C ARG F 63 20.42 34.17 36.06
N GLU F 64 19.58 35.16 36.34
CA GLU F 64 19.35 35.58 37.73
C GLU F 64 18.51 34.53 38.45
N GLN F 65 17.57 33.93 37.72
CA GLN F 65 16.66 32.95 38.32
C GLN F 65 17.37 31.62 38.59
N LEU F 66 18.56 31.46 38.02
CA LEU F 66 19.36 30.25 38.22
C LEU F 66 20.55 30.56 39.13
N SER F 67 20.70 31.83 39.51
CA SER F 67 21.76 32.23 40.41
C SER F 67 21.54 31.66 41.80
N SER F 68 20.26 31.61 42.15
CA SER F 68 19.78 30.99 43.38
C SER F 68 20.27 29.57 43.44
N VAL F 69 19.43 28.60 43.11
CA VAL F 69 19.82 27.20 42.95
C VAL F 69 19.68 26.38 44.23
N SER F 70 18.49 26.47 44.81
CA SER F 70 18.12 25.70 45.99
C SER F 70 18.40 24.26 45.65
N SER F 71 17.60 23.76 44.73
CA SER F 71 17.82 22.43 44.24
C SER F 71 17.30 22.44 42.81
N PHE F 72 17.76 21.47 42.03
CA PHE F 72 17.02 20.98 40.92
C PHE F 72 17.57 19.61 40.59
N GLU F 73 16.75 18.78 40.01
CA GLU F 73 17.15 17.50 39.51
C GLU F 73 16.74 17.47 38.07
N ARG F 74 17.64 17.05 37.20
CA ARG F 74 17.39 16.99 35.78
C ARG F 74 16.63 15.71 35.48
N PHE F 75 15.37 15.86 35.08
CA PHE F 75 14.54 14.70 34.79
C PHE F 75 13.95 14.77 33.39
N GLU F 76 13.61 13.60 32.85
CA GLU F 76 13.14 13.49 31.49
C GLU F 76 11.64 13.79 31.46
N ILE F 77 11.28 15.01 31.09
CA ILE F 77 9.87 15.37 31.02
C ILE F 77 9.18 14.60 29.88
N PHE F 78 9.83 14.52 28.73
CA PHE F 78 9.28 13.76 27.63
C PHE F 78 10.35 12.81 27.14
N PRO F 79 10.23 11.52 27.48
CA PRO F 79 11.22 10.52 27.05
C PRO F 79 11.21 10.29 25.53
N LYS F 80 12.41 10.22 24.97
CA LYS F 80 12.64 10.22 23.52
C LYS F 80 11.87 9.13 22.78
N GLU F 81 11.64 8.01 23.46
CA GLU F 81 11.09 6.83 22.82
C GLU F 81 9.88 6.27 23.56
N SER F 82 8.79 7.05 23.54
CA SER F 82 7.49 6.64 24.06
C SER F 82 6.56 7.83 23.88
N SER F 83 7.16 9.02 23.91
CA SER F 83 6.41 10.25 23.76
C SER F 83 6.11 10.57 22.30
N TRP F 84 6.96 10.10 21.39
CA TRP F 84 6.79 10.51 20.00
C TRP F 84 6.69 9.31 19.06
N PRO F 85 5.51 8.70 18.99
CA PRO F 85 5.32 7.52 18.12
C PRO F 85 5.10 7.95 16.67
N ASN F 86 4.44 9.09 16.48
CA ASN F 86 4.05 9.55 15.16
C ASN F 86 5.02 10.55 14.52
N HIS F 87 6.19 10.73 15.13
CA HIS F 87 7.14 11.73 14.66
C HIS F 87 8.57 11.19 14.69
N THR F 88 9.47 11.85 13.95
CA THR F 88 10.87 11.44 13.92
C THR F 88 11.69 12.29 14.89
N THR F 89 12.43 11.65 15.77
CA THR F 89 13.15 12.35 16.83
C THR F 89 14.65 12.49 16.57
N THR F 90 15.07 12.23 15.34
CA THR F 90 16.48 12.07 15.05
C THR F 90 17.20 13.36 14.63
N GLY F 91 16.46 14.47 14.56
CA GLY F 91 17.02 15.74 14.10
C GLY F 91 18.35 16.10 14.74
N VAL F 92 19.34 16.31 13.87
CA VAL F 92 20.73 16.53 14.25
C VAL F 92 21.42 17.51 13.31
N SER F 93 22.24 18.41 13.84
CA SER F 93 22.94 19.37 13.00
C SER F 93 24.44 19.40 13.30
N ALA F 94 25.23 19.75 12.29
CA ALA F 94 26.67 19.78 12.39
C ALA F 94 27.17 21.09 12.98
N SER F 95 26.26 21.83 13.58
CA SER F 95 26.59 23.06 14.27
C SER F 95 26.73 22.71 15.74
N CYS F 96 25.96 21.71 16.15
CA CYS F 96 26.09 21.14 17.48
C CYS F 96 26.90 19.86 17.41
N SER F 97 28.15 19.97 16.95
CA SER F 97 28.98 18.80 16.71
C SER F 97 29.74 18.36 17.95
N HIS F 98 29.77 17.05 18.20
CA HIS F 98 30.48 16.49 19.33
C HIS F 98 31.51 15.46 18.87
N ASN F 99 32.78 15.86 18.91
CA ASN F 99 33.88 15.00 18.46
C ASN F 99 33.79 14.64 16.98
N GLY F 100 33.91 15.64 16.12
CA GLY F 100 33.84 15.47 14.67
C GLY F 100 32.67 14.64 14.19
N GLU F 101 31.53 14.78 14.86
CA GLU F 101 30.35 13.98 14.57
C GLU F 101 29.09 14.74 14.96
N SER F 102 28.29 15.11 13.97
CA SER F 102 27.05 15.86 14.16
C SER F 102 26.16 15.37 15.30
N SER F 103 25.79 16.28 16.19
CA SER F 103 24.88 15.99 17.30
C SER F 103 23.87 17.11 17.51
N PHE F 104 23.31 17.22 18.71
CA PHE F 104 22.28 18.22 19.00
C PHE F 104 22.16 18.47 20.51
N TYR F 105 21.28 19.39 20.89
CA TYR F 105 21.03 19.69 22.30
C TYR F 105 20.60 18.46 23.11
N LYS F 106 21.15 18.32 24.31
CA LYS F 106 20.90 17.15 25.13
C LYS F 106 19.49 17.14 25.72
N ASN F 107 18.94 18.33 25.94
CA ASN F 107 17.65 18.44 26.61
C ASN F 107 16.48 18.77 25.68
N LEU F 108 16.75 18.83 24.39
CA LEU F 108 15.71 19.09 23.40
C LEU F 108 15.65 17.98 22.35
N LEU F 109 14.57 17.97 21.58
CA LEU F 109 14.37 16.96 20.56
C LEU F 109 13.86 17.64 19.28
N TRP F 110 14.57 17.42 18.17
CA TRP F 110 14.16 18.00 16.90
C TRP F 110 13.15 17.10 16.20
N LEU F 111 11.87 17.40 16.41
CA LEU F 111 10.80 16.64 15.80
C LEU F 111 10.74 16.96 14.30
N THR F 112 10.66 15.92 13.47
CA THR F 112 10.45 16.10 12.05
C THR F 112 9.40 15.10 11.59
N GLY F 113 9.29 14.93 10.28
CA GLY F 113 8.30 14.03 9.73
C GLY F 113 8.74 12.58 9.80
N LYS F 114 7.77 11.69 9.99
CA LYS F 114 8.01 10.26 9.87
C LYS F 114 7.00 9.71 8.88
N ASN F 115 7.49 8.95 7.90
CA ASN F 115 6.61 8.34 6.91
C ASN F 115 5.85 9.36 6.07
N GLY F 116 6.46 10.52 5.87
CA GLY F 116 5.86 11.54 5.03
C GLY F 116 4.73 12.30 5.69
N LEU F 117 4.67 12.25 7.02
CA LEU F 117 3.64 13.00 7.73
C LEU F 117 4.20 13.73 8.94
N TYR F 118 3.53 14.81 9.32
CA TYR F 118 3.70 15.38 10.65
C TYR F 118 2.27 15.46 11.17
N PRO F 119 1.93 14.61 12.14
CA PRO F 119 0.54 14.68 12.58
C PRO F 119 0.39 15.77 13.62
N ASN F 120 -0.77 16.40 13.69
CA ASN F 120 -1.00 17.44 14.69
C ASN F 120 -0.83 16.81 16.08
N LEU F 121 0.10 17.35 16.87
CA LEU F 121 0.35 16.79 18.19
C LEU F 121 -0.31 17.63 19.28
N SER F 122 -0.50 17.00 20.43
CA SER F 122 -1.12 17.66 21.57
C SER F 122 -0.59 16.97 22.81
N LYS F 123 0.27 17.67 23.52
CA LYS F 123 1.02 17.08 24.61
C LYS F 123 0.72 17.86 25.88
N SER F 124 0.76 17.19 27.02
CA SER F 124 0.41 17.82 28.29
C SER F 124 1.28 17.28 29.41
N TYR F 125 1.78 18.17 30.26
CA TYR F 125 2.50 17.74 31.45
C TYR F 125 1.86 18.36 32.69
N ALA F 126 1.37 17.50 33.58
CA ALA F 126 0.86 17.96 34.86
C ALA F 126 2.01 17.92 35.86
N ASN F 127 2.28 19.04 36.53
CA ASN F 127 3.34 19.06 37.52
C ASN F 127 2.86 18.37 38.80
N ASN F 128 3.58 17.33 39.20
CA ASN F 128 3.23 16.60 40.40
C ASN F 128 4.44 16.41 41.28
N LYS F 129 5.40 17.32 41.15
CA LYS F 129 6.64 17.21 41.90
C LYS F 129 6.66 18.21 43.06
N GLU F 130 5.52 18.87 43.28
CA GLU F 130 5.35 19.83 44.38
C GLU F 130 6.31 21.04 44.35
N LYS F 131 7.31 20.99 43.47
CA LYS F 131 8.22 22.11 43.28
C LYS F 131 8.01 22.69 41.88
N GLU F 132 8.54 23.88 41.63
CA GLU F 132 8.37 24.48 40.31
C GLU F 132 9.39 23.92 39.32
N VAL F 133 8.91 23.55 38.14
CA VAL F 133 9.78 22.95 37.14
C VAL F 133 10.07 23.91 35.98
N LEU F 134 11.36 24.04 35.66
CA LEU F 134 11.80 24.89 34.56
C LEU F 134 11.71 24.14 33.24
N VAL F 135 10.88 24.63 32.35
CA VAL F 135 10.65 23.99 31.05
C VAL F 135 11.21 24.85 29.92
N LEU F 136 12.01 24.24 29.06
CA LEU F 136 12.55 24.97 27.90
C LEU F 136 12.06 24.35 26.60
N TRP F 137 11.98 25.13 25.53
CA TRP F 137 11.73 24.57 24.21
C TRP F 137 12.29 25.45 23.10
N GLY F 138 11.91 25.17 21.87
CA GLY F 138 12.36 25.96 20.74
C GLY F 138 11.35 26.02 19.63
N VAL F 139 11.57 26.94 18.69
CA VAL F 139 10.81 26.98 17.46
C VAL F 139 11.79 27.15 16.32
N HIS F 140 11.67 26.31 15.30
CA HIS F 140 12.59 26.34 14.17
C HIS F 140 12.11 27.31 13.11
N HIS F 141 13.00 28.17 12.65
CA HIS F 141 12.67 29.09 11.56
C HIS F 141 13.55 28.81 10.36
N PRO F 142 13.03 28.00 9.41
CA PRO F 142 13.78 27.58 8.21
C PRO F 142 14.05 28.76 7.29
N PRO F 143 15.13 28.68 6.50
CA PRO F 143 15.49 29.77 5.57
C PRO F 143 14.65 29.79 4.31
N ASN F 144 14.10 28.65 3.92
CA ASN F 144 13.21 28.61 2.76
C ASN F 144 12.04 27.65 2.96
N ILE F 145 10.98 27.87 2.20
CA ILE F 145 9.78 27.07 2.31
C ILE F 145 10.05 25.63 1.89
N GLY F 146 11.09 25.43 1.08
CA GLY F 146 11.50 24.10 0.69
C GLY F 146 11.92 23.27 1.88
N ASP F 147 12.71 23.87 2.77
CA ASP F 147 13.14 23.18 3.98
C ASP F 147 11.94 23.02 4.91
N GLN F 148 11.03 23.99 4.86
CA GLN F 148 9.84 23.95 5.71
C GLN F 148 8.94 22.78 5.34
N ARG F 149 8.72 22.56 4.06
CA ARG F 149 7.87 21.47 3.61
C ARG F 149 8.54 20.12 3.86
N ALA F 150 9.85 20.10 3.67
CA ALA F 150 10.61 18.87 3.79
C ALA F 150 10.59 18.34 5.21
N LEU F 151 10.56 19.27 6.15
CA LEU F 151 10.66 18.93 7.57
C LEU F 151 9.31 18.70 8.24
N TYR F 152 8.32 19.52 7.91
CA TYR F 152 7.08 19.51 8.68
C TYR F 152 5.84 19.35 7.82
N HIS F 153 6.06 19.22 6.51
CA HIS F 153 5.00 18.88 5.56
C HIS F 153 3.78 19.79 5.63
N THR F 154 4.01 21.05 5.97
CA THR F 154 3.00 22.09 5.83
C THR F 154 3.69 23.42 5.60
N GLU F 155 2.96 24.38 5.03
CA GLU F 155 3.49 25.73 4.81
C GLU F 155 3.15 26.65 5.97
N ASN F 156 2.09 26.28 6.69
CA ASN F 156 1.57 27.13 7.76
C ASN F 156 1.53 26.41 9.08
N ALA F 157 2.61 26.54 9.85
CA ALA F 157 2.73 25.82 11.10
C ALA F 157 2.30 26.68 12.29
N TYR F 158 1.79 26.02 13.31
CA TYR F 158 1.44 26.69 14.55
C TYR F 158 2.09 25.94 15.71
N VAL F 159 2.58 26.68 16.69
CA VAL F 159 3.10 26.08 17.90
C VAL F 159 2.43 26.80 19.08
N SER F 160 1.80 26.04 19.95
CA SER F 160 0.98 26.62 21.03
C SER F 160 1.38 26.09 22.40
N VAL F 161 2.12 26.89 23.16
CA VAL F 161 2.50 26.51 24.52
C VAL F 161 1.66 27.26 25.56
N VAL F 162 0.83 26.53 26.29
CA VAL F 162 -0.09 27.17 27.24
C VAL F 162 -0.04 26.53 28.62
N SER F 163 0.18 27.36 29.64
CA SER F 163 0.05 26.93 31.03
C SER F 163 -0.91 27.90 31.71
N SER F 164 -0.73 28.17 32.99
CA SER F 164 -1.63 29.09 33.68
C SER F 164 -0.99 30.46 33.89
N HIS F 165 0.28 30.57 33.52
CA HIS F 165 1.01 31.82 33.65
C HIS F 165 1.76 32.16 32.36
N TYR F 166 1.72 31.25 31.38
CA TYR F 166 2.40 31.46 30.11
C TYR F 166 1.47 31.04 28.98
N SER F 167 1.39 31.86 27.94
CA SER F 167 0.57 31.51 26.78
C SER F 167 1.15 32.15 25.51
N ARG F 168 1.80 31.36 24.68
CA ARG F 168 2.28 31.84 23.39
C ARG F 168 1.58 31.12 22.25
N LYS F 169 1.28 31.85 21.19
CA LYS F 169 0.77 31.27 19.98
C LYS F 169 1.78 31.60 18.89
N PHE F 170 2.71 30.69 18.66
CA PHE F 170 3.77 30.95 17.70
C PHE F 170 3.33 30.64 16.28
N THR F 171 3.77 31.47 15.36
CA THR F 171 3.55 31.26 13.93
C THR F 171 4.90 31.42 13.27
N PRO F 172 5.66 30.31 13.16
CA PRO F 172 7.03 30.31 12.64
C PRO F 172 7.05 30.82 11.21
N GLU F 173 7.98 31.70 10.89
CA GLU F 173 8.03 32.26 9.56
C GLU F 173 9.32 31.94 8.80
N ILE F 174 9.20 31.83 7.49
CA ILE F 174 10.35 31.59 6.64
C ILE F 174 11.16 32.87 6.58
N ALA F 175 12.46 32.75 6.83
CA ALA F 175 13.35 33.89 6.74
C ALA F 175 14.78 33.43 6.55
N LYS F 176 15.41 33.91 5.49
CA LYS F 176 16.79 33.58 5.23
C LYS F 176 17.68 34.61 5.91
N ARG F 177 18.40 34.17 6.94
CA ARG F 177 19.24 35.05 7.74
C ARG F 177 20.70 34.87 7.36
N PRO F 178 21.55 35.85 7.73
CA PRO F 178 22.99 35.73 7.47
C PRO F 178 23.56 34.41 8.01
N LYS F 179 24.55 33.86 7.31
CA LYS F 179 25.12 32.58 7.70
C LYS F 179 25.89 32.66 9.02
N VAL F 180 25.38 32.00 10.05
CA VAL F 180 26.08 31.92 11.32
C VAL F 180 26.20 30.45 11.71
N ARG F 181 27.44 29.99 11.91
CA ARG F 181 27.72 28.58 12.18
C ARG F 181 27.21 27.68 11.05
N ASP F 182 27.40 28.16 9.82
CA ASP F 182 27.07 27.43 8.58
C ASP F 182 25.57 27.35 8.32
N GLN F 183 24.80 28.16 9.04
CA GLN F 183 23.34 28.08 8.97
C GLN F 183 22.69 29.42 8.66
N GLU F 184 21.68 29.39 7.80
CA GLU F 184 20.88 30.57 7.49
C GLU F 184 19.55 30.51 8.23
N GLY F 185 19.23 29.33 8.74
CA GLY F 185 18.00 29.13 9.49
C GLY F 185 18.24 29.43 10.96
N ARG F 186 17.17 29.54 11.73
CA ARG F 186 17.28 29.88 13.15
C ARG F 186 16.35 29.04 14.01
N ILE F 187 16.80 28.72 15.21
CA ILE F 187 15.91 28.18 16.24
C ILE F 187 15.87 29.15 17.41
N ASN F 188 14.69 29.70 17.69
CA ASN F 188 14.55 30.61 18.82
C ASN F 188 14.23 29.81 20.08
N TYR F 189 14.85 30.21 21.20
CA TYR F 189 14.77 29.41 22.41
C TYR F 189 13.83 30.05 23.43
N TYR F 190 12.96 29.25 24.03
CA TYR F 190 11.98 29.78 24.97
C TYR F 190 11.94 28.98 26.26
N TRP F 191 11.55 29.62 27.36
CA TRP F 191 11.42 28.92 28.64
C TRP F 191 10.33 29.50 29.54
N THR F 192 9.92 28.72 30.53
CA THR F 192 8.98 29.16 31.55
C THR F 192 9.20 28.38 32.83
N LEU F 193 8.63 28.87 33.93
CA LEU F 193 8.64 28.14 35.19
C LEU F 193 7.23 27.65 35.50
N LEU F 194 7.08 26.34 35.63
CA LEU F 194 5.77 25.73 35.83
C LEU F 194 5.54 25.44 37.30
N GLU F 195 4.53 26.08 37.89
CA GLU F 195 4.26 25.92 39.30
C GLU F 195 3.54 24.59 39.54
N PRO F 196 3.69 24.02 40.76
CA PRO F 196 3.06 22.75 41.12
C PRO F 196 1.56 22.75 40.91
N GLY F 197 1.01 21.65 40.41
CA GLY F 197 -0.42 21.57 40.17
C GLY F 197 -0.82 22.06 38.79
N ASP F 198 0.03 22.88 38.19
CA ASP F 198 -0.24 23.50 36.89
C ASP F 198 0.04 22.51 35.76
N THR F 199 -0.60 22.72 34.63
CA THR F 199 -0.47 21.82 33.49
C THR F 199 -0.03 22.59 32.26
N ILE F 200 1.07 22.18 31.64
CA ILE F 200 1.56 22.83 30.42
C ILE F 200 1.22 21.98 29.17
N ILE F 201 0.57 22.61 28.20
CA ILE F 201 0.14 21.89 27.01
C ILE F 201 0.85 22.41 25.75
N PHE F 202 1.62 21.52 25.12
CA PHE F 202 2.27 21.80 23.84
C PHE F 202 1.41 21.30 22.69
N GLU F 203 1.13 22.17 21.73
CA GLU F 203 0.45 21.72 20.50
C GLU F 203 1.20 22.26 19.28
N ALA F 204 1.34 21.43 18.26
CA ALA F 204 2.09 21.83 17.06
C ALA F 204 1.70 21.02 15.83
N ASN F 205 2.13 21.50 14.67
CA ASN F 205 2.09 20.71 13.46
C ASN F 205 3.40 20.87 12.69
N GLY F 206 4.40 21.41 13.39
CA GLY F 206 5.73 21.59 12.82
C GLY F 206 6.57 22.55 13.63
N ASN F 207 7.86 22.63 13.30
CA ASN F 207 8.75 23.67 13.82
C ASN F 207 9.04 23.62 15.33
N LEU F 208 8.33 22.77 16.04
CA LEU F 208 8.51 22.66 17.49
C LEU F 208 9.75 21.85 17.85
N ILE F 209 10.76 22.53 18.38
CA ILE F 209 11.86 21.84 19.00
C ILE F 209 11.39 21.49 20.41
N ALA F 210 10.91 20.26 20.57
CA ALA F 210 10.28 19.85 21.82
C ALA F 210 11.31 19.66 22.93
N PRO F 211 10.88 19.90 24.19
CA PRO F 211 11.73 19.64 25.35
C PRO F 211 11.88 18.15 25.58
N ARG F 212 13.05 17.72 26.02
CA ARG F 212 13.25 16.32 26.36
C ARG F 212 13.43 16.17 27.86
N TYR F 213 14.45 16.83 28.39
CA TYR F 213 14.67 16.91 29.83
C TYR F 213 14.28 18.29 30.31
N ALA F 214 13.60 18.34 31.45
CA ALA F 214 13.28 19.61 32.09
C ALA F 214 14.08 19.70 33.38
N PHE F 215 13.72 20.64 34.25
CA PHE F 215 14.41 20.78 35.52
C PHE F 215 13.43 21.26 36.56
N ALA F 216 13.24 20.49 37.62
CA ALA F 216 12.39 20.93 38.73
C ALA F 216 13.27 21.40 39.88
N LEU F 217 13.12 22.67 40.24
CA LEU F 217 13.96 23.31 41.24
C LEU F 217 13.18 23.88 42.41
#